data_2JRM
#
_entry.id   2JRM
#
_entity_poly.entity_id   1
_entity_poly.type   'polypeptide(L)'
_entity_poly.pdbx_seq_one_letter_code
;MKRQKRDRLERAQSQGYKAGLNGRSQEACPYQQVDARSYWLGGWRDARDEKQSGLYKLEHHHHHH
;
_entity_poly.pdbx_strand_id   A
#
# COMPACT_ATOMS: atom_id res chain seq x y z
N MET A 1 -10.32 7.97 -22.08
CA MET A 1 -10.29 7.11 -20.88
C MET A 1 -11.11 5.85 -21.11
N LYS A 2 -10.46 4.69 -21.00
CA LYS A 2 -11.10 3.43 -21.30
C LYS A 2 -10.44 2.30 -20.49
N ARG A 3 -9.13 2.36 -20.40
CA ARG A 3 -8.35 1.36 -19.68
C ARG A 3 -8.16 1.80 -18.23
N GLN A 4 -9.25 2.24 -17.60
CA GLN A 4 -9.18 2.81 -16.26
C GLN A 4 -9.21 1.76 -15.16
N LYS A 5 -9.12 0.49 -15.55
CA LYS A 5 -9.05 -0.58 -14.57
C LYS A 5 -7.70 -0.56 -13.86
N ARG A 6 -6.64 -0.45 -14.66
CA ARG A 6 -5.29 -0.45 -14.12
C ARG A 6 -4.97 0.90 -13.48
N ASP A 7 -5.47 1.97 -14.06
CA ASP A 7 -5.10 3.34 -13.67
C ASP A 7 -5.18 3.57 -12.15
N ARG A 8 -6.38 3.42 -11.60
CA ARG A 8 -6.60 3.75 -10.20
C ARG A 8 -5.87 2.79 -9.27
N LEU A 9 -5.52 1.62 -9.78
CA LEU A 9 -4.80 0.62 -9.00
C LEU A 9 -3.30 0.82 -9.13
N GLU A 10 -2.87 1.25 -10.30
CA GLU A 10 -1.47 1.54 -10.59
C GLU A 10 -0.97 2.63 -9.64
N ARG A 11 -1.85 3.56 -9.32
CA ARG A 11 -1.51 4.65 -8.41
C ARG A 11 -1.85 4.27 -6.97
N ALA A 12 -2.82 3.38 -6.82
CA ALA A 12 -3.12 2.81 -5.51
C ALA A 12 -1.93 2.01 -5.02
N GLN A 13 -1.19 1.43 -5.95
CA GLN A 13 0.01 0.66 -5.64
C GLN A 13 1.03 1.55 -4.92
N SER A 14 1.19 2.77 -5.40
CA SER A 14 2.11 3.72 -4.80
C SER A 14 1.51 4.35 -3.55
N GLN A 15 0.21 4.64 -3.62
CA GLN A 15 -0.52 5.25 -2.51
C GLN A 15 -0.48 4.34 -1.29
N GLY A 16 -0.69 3.05 -1.51
CA GLY A 16 -0.67 2.08 -0.42
C GLY A 16 0.67 2.05 0.27
N TYR A 17 1.73 2.12 -0.51
CA TYR A 17 3.08 2.14 0.04
C TYR A 17 3.25 3.34 0.95
N LYS A 18 2.88 4.51 0.45
CA LYS A 18 2.96 5.75 1.23
C LYS A 18 2.06 5.67 2.44
N ALA A 19 0.90 5.03 2.29
CA ALA A 19 -0.03 4.86 3.38
C ALA A 19 0.56 3.99 4.48
N GLY A 20 1.56 3.19 4.13
CA GLY A 20 2.27 2.43 5.12
C GLY A 20 3.06 3.32 6.06
N LEU A 21 3.73 4.31 5.49
CA LEU A 21 4.54 5.24 6.28
C LEU A 21 3.70 6.37 6.83
N ASN A 22 2.89 6.97 5.97
CA ASN A 22 2.14 8.17 6.30
C ASN A 22 0.70 7.86 6.69
N GLY A 23 0.09 6.90 6.01
CA GLY A 23 -1.34 6.69 6.15
C GLY A 23 -1.69 5.88 7.38
N ARG A 24 -0.65 5.29 7.97
CA ARG A 24 -0.77 4.42 9.13
C ARG A 24 -1.53 3.12 8.83
N SER A 25 -2.81 3.25 8.49
CA SER A 25 -3.71 2.11 8.44
C SER A 25 -4.32 1.88 7.06
N GLN A 26 -5.10 0.79 6.98
CA GLN A 26 -5.81 0.40 5.77
C GLN A 26 -7.14 1.13 5.69
N GLU A 27 -7.44 1.85 6.74
CA GLU A 27 -8.67 2.64 6.83
C GLU A 27 -8.64 3.73 5.76
N ALA A 28 -7.45 4.05 5.28
CA ALA A 28 -7.24 5.13 4.34
C ALA A 28 -7.07 4.60 2.92
N CYS A 29 -7.86 3.60 2.55
CA CYS A 29 -7.80 3.03 1.21
C CYS A 29 -9.02 3.45 0.38
N PRO A 30 -8.99 4.66 -0.21
CA PRO A 30 -10.15 5.26 -0.86
C PRO A 30 -10.18 5.08 -2.38
N TYR A 31 -9.85 3.89 -2.86
CA TYR A 31 -9.88 3.62 -4.30
C TYR A 31 -10.86 2.49 -4.60
N GLN A 32 -10.33 1.32 -4.92
CA GLN A 32 -11.13 0.14 -5.15
C GLN A 32 -11.24 -0.64 -3.84
N GLN A 33 -11.97 -1.74 -3.82
CA GLN A 33 -12.01 -2.57 -2.64
C GLN A 33 -11.11 -3.81 -2.80
N VAL A 34 -11.57 -4.77 -3.58
CA VAL A 34 -10.86 -6.04 -3.73
C VAL A 34 -9.57 -5.88 -4.52
N ASP A 35 -9.66 -5.17 -5.64
CA ASP A 35 -8.50 -4.96 -6.50
C ASP A 35 -7.50 -4.04 -5.82
N ALA A 36 -8.01 -3.21 -4.93
CA ALA A 36 -7.17 -2.30 -4.16
C ALA A 36 -6.51 -3.06 -3.03
N ARG A 37 -7.13 -4.14 -2.59
CA ARG A 37 -6.49 -5.02 -1.65
C ARG A 37 -5.18 -5.55 -2.24
N SER A 38 -5.28 -6.14 -3.42
CA SER A 38 -4.12 -6.76 -4.05
C SER A 38 -3.09 -5.72 -4.50
N TYR A 39 -3.54 -4.50 -4.75
CA TYR A 39 -2.63 -3.42 -5.14
C TYR A 39 -2.22 -2.55 -3.95
N TRP A 40 -3.17 -1.80 -3.45
CA TRP A 40 -2.95 -0.82 -2.38
C TRP A 40 -2.45 -1.51 -1.11
N LEU A 41 -3.07 -2.62 -0.73
CA LEU A 41 -2.73 -3.28 0.53
C LEU A 41 -1.42 -4.04 0.38
N GLY A 42 -1.07 -4.36 -0.86
CA GLY A 42 0.17 -5.03 -1.13
C GLY A 42 1.36 -4.14 -0.82
N GLY A 43 1.29 -2.91 -1.31
CA GLY A 43 2.34 -1.94 -1.04
C GLY A 43 2.32 -1.50 0.40
N TRP A 44 1.12 -1.42 0.97
CA TRP A 44 0.95 -1.04 2.37
C TRP A 44 1.71 -2.00 3.28
N ARG A 45 1.46 -3.29 3.13
CA ARG A 45 2.12 -4.31 3.95
C ARG A 45 3.62 -4.31 3.71
N ASP A 46 4.01 -4.08 2.46
CA ASP A 46 5.42 -4.12 2.09
C ASP A 46 6.19 -2.99 2.76
N ALA A 47 5.67 -1.78 2.64
CA ALA A 47 6.30 -0.60 3.21
C ALA A 47 6.51 -0.77 4.71
N ARG A 48 5.45 -1.19 5.40
CA ARG A 48 5.52 -1.35 6.85
C ARG A 48 6.57 -2.37 7.23
N ASP A 49 6.49 -3.56 6.62
CA ASP A 49 7.36 -4.66 6.99
C ASP A 49 8.81 -4.41 6.57
N GLU A 50 9.01 -3.43 5.70
CA GLU A 50 10.35 -3.11 5.22
C GLU A 50 11.05 -2.26 6.26
N LYS A 51 10.30 -1.34 6.85
CA LYS A 51 10.84 -0.48 7.88
C LYS A 51 10.77 -1.25 9.18
N GLN A 52 9.96 -2.28 9.15
CA GLN A 52 9.77 -3.15 10.30
C GLN A 52 10.95 -4.11 10.42
N SER A 53 11.47 -4.56 9.29
CA SER A 53 12.62 -5.45 9.27
C SER A 53 13.87 -4.70 9.74
N GLY A 54 13.87 -3.38 9.58
CA GLY A 54 14.98 -2.57 10.02
C GLY A 54 15.11 -2.56 11.54
N LEU A 55 13.99 -2.77 12.22
CA LEU A 55 13.97 -2.83 13.67
C LEU A 55 14.15 -4.26 14.15
N TYR A 56 15.15 -4.94 13.62
CA TYR A 56 15.46 -6.29 14.05
C TYR A 56 16.19 -6.25 15.39
N LYS A 57 15.47 -5.86 16.42
CA LYS A 57 16.00 -5.84 17.76
C LYS A 57 15.80 -7.21 18.39
N LEU A 58 14.56 -7.66 18.38
CA LEU A 58 14.21 -8.95 18.93
C LEU A 58 14.18 -10.00 17.82
N GLU A 59 14.36 -11.26 18.19
CA GLU A 59 14.36 -12.34 17.22
C GLU A 59 12.94 -12.79 16.94
N HIS A 60 12.05 -12.45 17.87
CA HIS A 60 10.66 -12.89 17.83
C HIS A 60 9.89 -12.23 16.68
N MET A 1 -9.50 -0.13 -20.44
CA MET A 1 -10.02 0.56 -21.64
C MET A 1 -10.90 1.75 -21.28
N LYS A 2 -12.04 1.48 -20.64
CA LYS A 2 -13.04 2.52 -20.40
C LYS A 2 -13.18 2.84 -18.92
N ARG A 3 -12.49 2.10 -18.07
CA ARG A 3 -12.55 2.36 -16.64
C ARG A 3 -11.18 2.73 -16.06
N GLN A 4 -10.12 2.46 -16.83
CA GLN A 4 -8.76 2.82 -16.40
C GLN A 4 -8.46 2.25 -15.01
N LYS A 5 -9.01 1.07 -14.72
CA LYS A 5 -8.89 0.48 -13.40
C LYS A 5 -7.43 0.21 -13.04
N ARG A 6 -6.65 -0.33 -13.97
CA ARG A 6 -5.25 -0.61 -13.69
C ARG A 6 -4.49 0.69 -13.48
N ASP A 7 -4.85 1.71 -14.24
CA ASP A 7 -4.22 3.02 -14.13
C ASP A 7 -4.38 3.56 -12.71
N ARG A 8 -5.63 3.55 -12.26
CA ARG A 8 -5.98 4.03 -10.94
C ARG A 8 -5.35 3.17 -9.85
N LEU A 9 -5.32 1.87 -10.07
CA LEU A 9 -4.76 0.94 -9.09
C LEU A 9 -3.23 0.92 -9.15
N GLU A 10 -2.68 1.33 -10.30
CA GLU A 10 -1.25 1.51 -10.43
C GLU A 10 -0.80 2.58 -9.44
N ARG A 11 -1.64 3.60 -9.29
CA ARG A 11 -1.40 4.67 -8.34
C ARG A 11 -1.70 4.18 -6.95
N ALA A 12 -2.78 3.42 -6.82
CA ALA A 12 -3.15 2.79 -5.55
C ALA A 12 -2.01 1.95 -5.01
N GLN A 13 -1.25 1.33 -5.91
CA GLN A 13 -0.16 0.47 -5.47
C GLN A 13 1.01 1.29 -4.93
N SER A 14 1.38 2.35 -5.66
CA SER A 14 2.45 3.22 -5.22
C SER A 14 2.00 4.05 -4.02
N GLN A 15 0.75 4.47 -4.01
CA GLN A 15 0.22 5.24 -2.89
C GLN A 15 0.02 4.35 -1.69
N GLY A 16 -0.25 3.07 -1.94
CA GLY A 16 -0.36 2.12 -0.86
C GLY A 16 0.92 2.02 -0.07
N TYR A 17 2.03 1.92 -0.79
CA TYR A 17 3.34 1.92 -0.16
C TYR A 17 3.50 3.16 0.69
N LYS A 18 3.21 4.32 0.09
CA LYS A 18 3.31 5.59 0.80
C LYS A 18 2.34 5.63 1.96
N ALA A 19 1.17 5.01 1.80
CA ALA A 19 0.16 4.97 2.83
C ALA A 19 0.63 4.18 4.04
N GLY A 20 1.63 3.34 3.85
CA GLY A 20 2.27 2.70 4.98
C GLY A 20 2.95 3.71 5.88
N LEU A 21 3.46 4.77 5.26
CA LEU A 21 4.12 5.85 5.99
C LEU A 21 3.12 6.93 6.34
N ASN A 22 2.22 7.19 5.39
CA ASN A 22 1.26 8.29 5.50
C ASN A 22 0.01 7.90 6.28
N GLY A 23 -0.55 6.73 5.98
CA GLY A 23 -1.84 6.38 6.53
C GLY A 23 -1.73 5.44 7.71
N ARG A 24 -0.67 4.63 7.69
CA ARG A 24 -0.35 3.69 8.78
C ARG A 24 -1.29 2.48 8.81
N SER A 25 -2.59 2.71 8.64
CA SER A 25 -3.57 1.63 8.63
C SER A 25 -4.07 1.30 7.24
N GLN A 26 -4.72 0.15 7.11
CA GLN A 26 -5.29 -0.30 5.83
C GLN A 26 -6.59 0.43 5.55
N GLU A 27 -7.13 1.03 6.61
CA GLU A 27 -8.37 1.79 6.53
C GLU A 27 -8.17 3.08 5.72
N ALA A 28 -6.93 3.31 5.30
CA ALA A 28 -6.61 4.46 4.47
C ALA A 28 -6.78 4.13 2.99
N CYS A 29 -7.56 3.09 2.72
CA CYS A 29 -7.86 2.69 1.34
C CYS A 29 -9.27 3.16 0.95
N PRO A 30 -9.36 4.35 0.35
CA PRO A 30 -10.65 4.98 0.00
C PRO A 30 -11.22 4.54 -1.35
N TYR A 31 -10.40 3.92 -2.19
CA TYR A 31 -10.79 3.60 -3.58
C TYR A 31 -11.87 2.52 -3.62
N GLN A 32 -11.43 1.30 -3.30
CA GLN A 32 -12.26 0.13 -3.36
C GLN A 32 -11.75 -0.83 -2.29
N GLN A 33 -12.37 -1.99 -2.14
CA GLN A 33 -11.84 -2.96 -1.22
C GLN A 33 -11.01 -4.02 -1.93
N VAL A 34 -11.67 -4.95 -2.62
CA VAL A 34 -11.01 -6.12 -3.15
C VAL A 34 -9.88 -5.78 -4.13
N ASP A 35 -10.22 -5.08 -5.20
CA ASP A 35 -9.26 -4.79 -6.26
C ASP A 35 -8.22 -3.82 -5.75
N ALA A 36 -8.72 -2.80 -5.07
CA ALA A 36 -7.86 -1.80 -4.46
C ALA A 36 -6.81 -2.45 -3.58
N ARG A 37 -7.24 -3.29 -2.66
CA ARG A 37 -6.33 -3.93 -1.71
C ARG A 37 -5.37 -4.89 -2.40
N SER A 38 -5.74 -5.37 -3.59
CA SER A 38 -4.87 -6.25 -4.35
C SER A 38 -3.65 -5.48 -4.82
N TYR A 39 -3.84 -4.19 -5.10
CA TYR A 39 -2.72 -3.33 -5.46
C TYR A 39 -2.21 -2.54 -4.25
N TRP A 40 -3.13 -1.91 -3.54
CA TRP A 40 -2.81 -0.97 -2.47
C TRP A 40 -2.22 -1.66 -1.25
N LEU A 41 -2.89 -2.69 -0.74
CA LEU A 41 -2.52 -3.31 0.54
C LEU A 41 -1.17 -4.02 0.41
N GLY A 42 -0.90 -4.56 -0.78
CA GLY A 42 0.37 -5.23 -1.02
C GLY A 42 1.54 -4.28 -0.81
N GLY A 43 1.45 -3.09 -1.38
CA GLY A 43 2.48 -2.09 -1.20
C GLY A 43 2.46 -1.53 0.21
N TRP A 44 1.26 -1.43 0.77
CA TRP A 44 1.08 -0.92 2.13
C TRP A 44 1.86 -1.77 3.14
N ARG A 45 1.63 -3.08 3.12
CA ARG A 45 2.26 -3.97 4.08
C ARG A 45 3.76 -4.02 3.84
N ASP A 46 4.14 -3.99 2.57
CA ASP A 46 5.54 -4.04 2.19
C ASP A 46 6.31 -2.87 2.80
N ALA A 47 5.76 -1.67 2.69
CA ALA A 47 6.38 -0.48 3.26
C ALA A 47 6.46 -0.58 4.77
N ARG A 48 5.31 -0.87 5.39
CA ARG A 48 5.24 -0.94 6.84
C ARG A 48 6.22 -1.97 7.38
N ASP A 49 6.22 -3.16 6.77
CA ASP A 49 7.07 -4.25 7.22
C ASP A 49 8.54 -4.00 6.85
N GLU A 50 8.78 -3.09 5.92
CA GLU A 50 10.12 -2.84 5.43
C GLU A 50 10.90 -2.07 6.47
N LYS A 51 10.20 -1.14 7.10
CA LYS A 51 10.81 -0.33 8.15
C LYS A 51 10.60 -1.05 9.46
N GLN A 52 9.63 -1.96 9.45
CA GLN A 52 9.31 -2.75 10.62
C GLN A 52 10.42 -3.77 10.86
N SER A 53 10.71 -4.54 9.83
CA SER A 53 11.77 -5.54 9.87
C SER A 53 13.14 -4.88 9.69
N GLY A 54 13.13 -3.60 9.36
CA GLY A 54 14.37 -2.85 9.21
C GLY A 54 15.09 -2.68 10.53
N LEU A 55 14.31 -2.75 11.62
CA LEU A 55 14.84 -2.71 12.97
C LEU A 55 15.55 -1.39 13.27
N TYR A 56 14.79 -0.30 13.31
CA TYR A 56 15.33 0.99 13.70
C TYR A 56 15.29 1.13 15.22
N LYS A 57 15.09 0.00 15.87
CA LYS A 57 15.00 -0.10 17.33
C LYS A 57 13.63 0.35 17.81
N LEU A 58 12.70 -0.60 17.80
CA LEU A 58 11.35 -0.38 18.30
C LEU A 58 11.38 -0.19 19.80
N GLU A 59 12.18 -1.00 20.47
CA GLU A 59 12.38 -0.89 21.91
C GLU A 59 13.20 0.37 22.21
N HIS A 60 12.74 1.13 23.19
CA HIS A 60 13.33 2.43 23.50
C HIS A 60 14.73 2.29 24.08
N MET A 1 -12.41 8.88 -19.47
CA MET A 1 -11.75 9.65 -18.40
C MET A 1 -10.85 8.74 -17.57
N LYS A 2 -9.76 9.28 -17.06
CA LYS A 2 -8.82 8.50 -16.27
C LYS A 2 -9.31 8.32 -14.84
N ARG A 3 -10.07 7.25 -14.64
CA ARG A 3 -10.48 6.81 -13.32
C ARG A 3 -10.86 5.33 -13.39
N GLN A 4 -10.07 4.60 -14.17
CA GLN A 4 -10.32 3.19 -14.46
C GLN A 4 -9.93 2.31 -13.28
N LYS A 5 -10.01 1.00 -13.49
CA LYS A 5 -9.48 0.05 -12.53
C LYS A 5 -7.98 0.17 -12.47
N ARG A 6 -7.31 -0.22 -13.56
CA ARG A 6 -5.85 -0.17 -13.63
C ARG A 6 -5.34 1.22 -13.33
N ASP A 7 -6.11 2.22 -13.72
CA ASP A 7 -5.75 3.61 -13.49
C ASP A 7 -5.49 3.90 -12.01
N ARG A 8 -6.53 3.80 -11.20
CA ARG A 8 -6.43 4.17 -9.80
C ARG A 8 -5.77 3.05 -8.99
N LEU A 9 -5.62 1.89 -9.61
CA LEU A 9 -4.87 0.79 -9.01
C LEU A 9 -3.38 0.98 -9.24
N GLU A 10 -3.05 1.56 -10.39
CA GLU A 10 -1.68 1.95 -10.71
C GLU A 10 -1.17 2.95 -9.69
N ARG A 11 -2.06 3.85 -9.31
CA ARG A 11 -1.73 4.89 -8.36
C ARG A 11 -1.90 4.36 -6.94
N ALA A 12 -2.82 3.43 -6.76
CA ALA A 12 -2.99 2.72 -5.50
C ALA A 12 -1.73 1.96 -5.15
N GLN A 13 -1.03 1.49 -6.17
CA GLN A 13 0.23 0.78 -5.95
C GLN A 13 1.24 1.72 -5.30
N SER A 14 1.34 2.91 -5.86
CA SER A 14 2.24 3.93 -5.36
C SER A 14 1.75 4.50 -4.03
N GLN A 15 0.44 4.73 -3.94
CA GLN A 15 -0.18 5.22 -2.73
C GLN A 15 0.00 4.23 -1.59
N GLY A 16 -0.17 2.96 -1.89
CA GLY A 16 -0.04 1.92 -0.90
C GLY A 16 1.33 1.91 -0.24
N TYR A 17 2.37 2.05 -1.05
CA TYR A 17 3.72 2.06 -0.50
C TYR A 17 3.92 3.26 0.42
N LYS A 18 3.36 4.39 0.03
CA LYS A 18 3.46 5.60 0.83
C LYS A 18 2.55 5.52 2.04
N ALA A 19 1.60 4.59 1.97
CA ALA A 19 0.59 4.45 3.01
C ALA A 19 1.12 3.57 4.13
N GLY A 20 2.08 2.71 3.82
CA GLY A 20 2.72 1.96 4.86
C GLY A 20 3.50 2.86 5.80
N LEU A 21 4.07 3.91 5.21
CA LEU A 21 4.83 4.89 5.97
C LEU A 21 3.88 5.92 6.57
N ASN A 22 3.09 6.53 5.69
CA ASN A 22 2.28 7.68 6.04
C ASN A 22 0.85 7.30 6.44
N GLY A 23 0.29 6.30 5.77
CA GLY A 23 -1.13 6.00 5.96
C GLY A 23 -1.36 5.19 7.21
N ARG A 24 -0.30 4.53 7.65
CA ARG A 24 -0.28 3.66 8.82
C ARG A 24 -1.25 2.47 8.70
N SER A 25 -2.53 2.75 8.62
CA SER A 25 -3.55 1.70 8.61
C SER A 25 -4.02 1.41 7.19
N GLN A 26 -4.76 0.31 7.04
CA GLN A 26 -5.32 -0.09 5.75
C GLN A 26 -6.56 0.72 5.45
N GLU A 27 -7.05 1.41 6.49
CA GLU A 27 -8.27 2.20 6.38
C GLU A 27 -7.98 3.52 5.66
N ALA A 28 -6.83 3.58 5.02
CA ALA A 28 -6.43 4.75 4.25
C ALA A 28 -6.49 4.44 2.76
N CYS A 29 -7.31 3.48 2.40
CA CYS A 29 -7.46 3.07 1.00
C CYS A 29 -8.75 3.62 0.39
N PRO A 30 -8.67 4.78 -0.28
CA PRO A 30 -9.81 5.42 -0.94
C PRO A 30 -9.97 5.05 -2.42
N TYR A 31 -9.47 3.88 -2.80
CA TYR A 31 -9.49 3.48 -4.21
C TYR A 31 -10.48 2.37 -4.49
N GLN A 32 -10.49 1.34 -3.65
CA GLN A 32 -11.28 0.15 -3.89
C GLN A 32 -11.11 -0.81 -2.70
N GLN A 33 -11.83 -1.91 -2.69
CA GLN A 33 -11.66 -2.91 -1.66
C GLN A 33 -10.81 -4.08 -2.15
N VAL A 34 -11.39 -4.93 -2.99
CA VAL A 34 -10.74 -6.17 -3.41
C VAL A 34 -9.58 -5.89 -4.35
N ASP A 35 -9.84 -5.05 -5.35
CA ASP A 35 -8.83 -4.73 -6.37
C ASP A 35 -7.72 -3.91 -5.72
N ALA A 36 -8.11 -3.04 -4.81
CA ALA A 36 -7.17 -2.23 -4.08
C ALA A 36 -6.42 -3.07 -3.07
N ARG A 37 -7.03 -4.15 -2.63
CA ARG A 37 -6.37 -5.03 -1.69
C ARG A 37 -5.11 -5.61 -2.34
N SER A 38 -5.27 -6.14 -3.55
CA SER A 38 -4.18 -6.81 -4.24
C SER A 38 -3.12 -5.82 -4.70
N TYR A 39 -3.52 -4.58 -5.00
CA TYR A 39 -2.55 -3.58 -5.41
C TYR A 39 -2.09 -2.71 -4.25
N TRP A 40 -3.02 -1.98 -3.67
CA TRP A 40 -2.72 -1.00 -2.63
C TRP A 40 -2.18 -1.68 -1.37
N LEU A 41 -2.83 -2.76 -0.93
CA LEU A 41 -2.46 -3.40 0.33
C LEU A 41 -1.17 -4.18 0.16
N GLY A 42 -0.92 -4.60 -1.07
CA GLY A 42 0.33 -5.28 -1.38
C GLY A 42 1.52 -4.36 -1.16
N GLY A 43 1.44 -3.15 -1.71
CA GLY A 43 2.49 -2.18 -1.50
C GLY A 43 2.51 -1.68 -0.07
N TRP A 44 1.32 -1.57 0.52
CA TRP A 44 1.18 -1.18 1.92
C TRP A 44 1.96 -2.14 2.80
N ARG A 45 1.72 -3.44 2.61
CA ARG A 45 2.34 -4.47 3.43
C ARG A 45 3.86 -4.39 3.34
N ASP A 46 4.38 -4.22 2.13
CA ASP A 46 5.82 -4.13 1.91
C ASP A 46 6.41 -3.00 2.76
N ALA A 47 5.91 -1.79 2.55
CA ALA A 47 6.40 -0.62 3.24
C ALA A 47 6.15 -0.71 4.75
N ARG A 48 4.97 -1.20 5.11
CA ARG A 48 4.57 -1.32 6.51
C ARG A 48 5.59 -2.12 7.31
N ASP A 49 5.89 -3.32 6.83
CA ASP A 49 6.79 -4.22 7.56
C ASP A 49 8.26 -3.89 7.30
N GLU A 50 8.52 -3.02 6.34
CA GLU A 50 9.88 -2.61 6.05
C GLU A 50 10.26 -1.46 6.95
N LYS A 51 9.24 -0.74 7.37
CA LYS A 51 9.41 0.33 8.34
C LYS A 51 9.29 -0.30 9.72
N GLN A 52 8.68 -1.47 9.73
CA GLN A 52 8.47 -2.23 10.95
C GLN A 52 9.72 -3.02 11.32
N SER A 53 10.10 -3.94 10.45
CA SER A 53 11.25 -4.81 10.69
C SER A 53 12.56 -4.07 10.44
N GLY A 54 12.50 -2.98 9.69
CA GLY A 54 13.69 -2.20 9.40
C GLY A 54 14.34 -1.65 10.65
N LEU A 55 13.53 -1.09 11.53
CA LEU A 55 14.02 -0.56 12.79
C LEU A 55 13.47 -1.38 13.95
N TYR A 56 13.31 -2.68 13.72
CA TYR A 56 12.81 -3.58 14.74
C TYR A 56 13.89 -3.81 15.81
N LYS A 57 14.23 -2.76 16.54
CA LYS A 57 15.18 -2.87 17.62
C LYS A 57 14.46 -2.78 18.97
N LEU A 58 13.13 -2.80 18.91
CA LEU A 58 12.31 -2.83 20.11
C LEU A 58 12.41 -4.21 20.76
N GLU A 59 11.83 -4.33 21.95
CA GLU A 59 11.94 -5.56 22.77
C GLU A 59 13.35 -5.68 23.33
N HIS A 60 14.20 -4.70 23.03
CA HIS A 60 15.54 -4.65 23.57
C HIS A 60 15.74 -3.37 24.36
N MET A 1 -14.74 2.62 -24.18
CA MET A 1 -14.85 2.72 -22.71
C MET A 1 -13.48 2.55 -22.08
N LYS A 2 -13.04 3.57 -21.36
CA LYS A 2 -11.75 3.54 -20.70
C LYS A 2 -11.87 2.82 -19.36
N ARG A 3 -11.22 1.66 -19.25
CA ARG A 3 -11.23 0.91 -18.01
C ARG A 3 -10.19 1.48 -17.06
N GLN A 4 -10.52 2.67 -16.57
CA GLN A 4 -9.65 3.44 -15.70
C GLN A 4 -9.48 2.82 -14.31
N LYS A 5 -9.90 1.57 -14.17
CA LYS A 5 -9.65 0.82 -12.96
C LYS A 5 -8.15 0.64 -12.78
N ARG A 6 -7.49 0.28 -13.86
CA ARG A 6 -6.05 0.06 -13.86
C ARG A 6 -5.31 1.32 -13.41
N ASP A 7 -5.79 2.47 -13.88
CA ASP A 7 -5.19 3.76 -13.54
C ASP A 7 -5.16 3.97 -12.03
N ARG A 8 -6.33 3.91 -11.42
CA ARG A 8 -6.45 4.14 -9.99
C ARG A 8 -5.85 3.00 -9.18
N LEU A 9 -5.73 1.82 -9.79
CA LEU A 9 -5.12 0.67 -9.12
C LEU A 9 -3.60 0.77 -9.09
N GLU A 10 -3.00 1.21 -10.18
CA GLU A 10 -1.56 1.43 -10.19
C GLU A 10 -1.20 2.65 -9.35
N ARG A 11 -2.18 3.52 -9.17
CA ARG A 11 -2.02 4.66 -8.29
C ARG A 11 -2.11 4.21 -6.85
N ALA A 12 -3.03 3.28 -6.60
CA ALA A 12 -3.17 2.65 -5.31
C ALA A 12 -1.92 1.85 -4.98
N GLN A 13 -1.31 1.28 -6.00
CA GLN A 13 -0.07 0.50 -5.84
C GLN A 13 1.03 1.38 -5.25
N SER A 14 1.20 2.57 -5.81
CA SER A 14 2.21 3.50 -5.34
C SER A 14 1.77 4.15 -4.03
N GLN A 15 0.48 4.51 -3.97
CA GLN A 15 -0.07 5.13 -2.77
C GLN A 15 0.07 4.21 -1.58
N GLY A 16 -0.17 2.92 -1.80
CA GLY A 16 -0.11 1.94 -0.73
C GLY A 16 1.26 1.86 -0.10
N TYR A 17 2.31 1.90 -0.91
CA TYR A 17 3.67 1.85 -0.39
C TYR A 17 3.96 3.08 0.46
N LYS A 18 3.45 4.22 0.03
CA LYS A 18 3.62 5.45 0.79
C LYS A 18 2.67 5.46 1.99
N ALA A 19 1.60 4.69 1.90
CA ALA A 19 0.59 4.66 2.94
C ALA A 19 1.02 3.75 4.09
N GLY A 20 1.94 2.86 3.81
CA GLY A 20 2.51 2.07 4.86
C GLY A 20 3.39 2.90 5.77
N LEU A 21 3.83 4.03 5.25
CA LEU A 21 4.66 4.96 6.00
C LEU A 21 3.81 6.11 6.51
N ASN A 22 3.04 6.69 5.60
CA ASN A 22 2.25 7.88 5.87
C ASN A 22 0.83 7.55 6.29
N GLY A 23 0.26 6.52 5.69
CA GLY A 23 -1.16 6.27 5.89
C GLY A 23 -1.44 5.51 7.15
N ARG A 24 -0.39 4.88 7.68
CA ARG A 24 -0.45 4.06 8.88
C ARG A 24 -1.38 2.85 8.74
N SER A 25 -2.67 3.10 8.66
CA SER A 25 -3.68 2.03 8.63
C SER A 25 -4.06 1.67 7.21
N GLN A 26 -4.88 0.62 7.08
CA GLN A 26 -5.43 0.20 5.79
C GLN A 26 -6.68 1.01 5.50
N GLU A 27 -7.13 1.75 6.52
CA GLU A 27 -8.29 2.61 6.43
C GLU A 27 -8.01 3.78 5.49
N ALA A 28 -6.74 3.92 5.13
CA ALA A 28 -6.30 5.01 4.26
C ALA A 28 -6.46 4.65 2.79
N CYS A 29 -7.27 3.63 2.51
CA CYS A 29 -7.50 3.19 1.14
C CYS A 29 -8.86 3.68 0.62
N PRO A 30 -8.87 4.81 -0.11
CA PRO A 30 -10.09 5.35 -0.71
C PRO A 30 -10.36 4.81 -2.11
N TYR A 31 -9.45 3.97 -2.62
CA TYR A 31 -9.51 3.53 -4.01
C TYR A 31 -10.59 2.46 -4.24
N GLN A 32 -10.44 1.32 -3.58
CA GLN A 32 -11.37 0.21 -3.77
C GLN A 32 -11.11 -0.82 -2.68
N GLN A 33 -11.81 -1.95 -2.72
CA GLN A 33 -11.58 -2.98 -1.72
C GLN A 33 -10.75 -4.12 -2.27
N VAL A 34 -11.38 -4.98 -3.05
CA VAL A 34 -10.75 -6.21 -3.51
C VAL A 34 -9.51 -5.93 -4.34
N ASP A 35 -9.71 -5.20 -5.42
CA ASP A 35 -8.64 -4.96 -6.38
C ASP A 35 -7.59 -4.06 -5.75
N ALA A 36 -8.05 -3.17 -4.90
CA ALA A 36 -7.16 -2.27 -4.20
C ALA A 36 -6.36 -3.00 -3.16
N ARG A 37 -6.88 -4.09 -2.63
CA ARG A 37 -6.10 -4.89 -1.69
C ARG A 37 -4.89 -5.48 -2.39
N SER A 38 -5.11 -6.04 -3.58
CA SER A 38 -4.04 -6.68 -4.34
C SER A 38 -2.98 -5.68 -4.75
N TYR A 39 -3.40 -4.44 -4.99
CA TYR A 39 -2.46 -3.39 -5.38
C TYR A 39 -1.99 -2.57 -4.19
N TRP A 40 -2.93 -1.84 -3.59
CA TRP A 40 -2.66 -0.92 -2.49
C TRP A 40 -2.16 -1.65 -1.25
N LEU A 41 -2.88 -2.70 -0.85
CA LEU A 41 -2.60 -3.35 0.43
C LEU A 41 -1.35 -4.22 0.29
N GLY A 42 -1.14 -4.75 -0.90
CA GLY A 42 0.10 -5.48 -1.18
C GLY A 42 1.31 -4.60 -0.99
N GLY A 43 1.25 -3.39 -1.54
CA GLY A 43 2.32 -2.44 -1.35
C GLY A 43 2.38 -1.94 0.07
N TRP A 44 1.20 -1.80 0.69
CA TRP A 44 1.09 -1.38 2.08
C TRP A 44 1.82 -2.36 2.99
N ARG A 45 1.64 -3.66 2.74
CA ARG A 45 2.27 -4.68 3.56
C ARG A 45 3.79 -4.70 3.37
N ASP A 46 4.24 -4.39 2.16
CA ASP A 46 5.67 -4.27 1.90
C ASP A 46 6.23 -3.05 2.62
N ALA A 47 5.50 -1.96 2.55
CA ALA A 47 5.84 -0.74 3.26
C ALA A 47 5.87 -0.99 4.77
N ARG A 48 4.88 -1.75 5.25
CA ARG A 48 4.86 -2.18 6.64
C ARG A 48 6.14 -2.92 6.96
N ASP A 49 6.51 -3.85 6.08
CA ASP A 49 7.71 -4.67 6.24
C ASP A 49 8.98 -3.83 6.27
N GLU A 50 8.91 -2.64 5.69
CA GLU A 50 10.05 -1.74 5.59
C GLU A 50 10.23 -0.99 6.90
N LYS A 51 9.11 -0.67 7.53
CA LYS A 51 9.13 0.01 8.81
C LYS A 51 9.15 -1.03 9.90
N GLN A 52 8.91 -2.25 9.49
CA GLN A 52 8.90 -3.39 10.40
C GLN A 52 10.31 -3.93 10.59
N SER A 53 11.10 -3.87 9.52
CA SER A 53 12.49 -4.28 9.57
C SER A 53 13.30 -3.34 10.46
N GLY A 54 12.82 -2.10 10.59
CA GLY A 54 13.46 -1.15 11.48
C GLY A 54 12.96 -1.29 12.89
N LEU A 55 11.83 -1.99 13.04
CA LEU A 55 11.18 -2.26 14.33
C LEU A 55 10.63 -0.99 14.96
N TYR A 56 11.51 -0.05 15.22
CA TYR A 56 11.18 1.16 15.95
C TYR A 56 12.16 2.26 15.57
N LYS A 57 13.43 2.03 15.84
CA LYS A 57 14.48 3.00 15.55
C LYS A 57 15.84 2.30 15.47
N LEU A 58 16.03 1.56 14.40
CA LEU A 58 17.32 0.94 14.13
C LEU A 58 18.06 1.77 13.10
N GLU A 59 19.09 1.18 12.49
CA GLU A 59 19.82 1.84 11.43
C GLU A 59 18.95 1.98 10.19
N HIS A 60 18.90 3.18 9.61
CA HIS A 60 18.17 3.38 8.37
C HIS A 60 19.08 3.00 7.18
N MET A 1 -14.72 4.84 -23.88
CA MET A 1 -14.60 5.83 -22.78
C MET A 1 -14.13 5.17 -21.50
N LYS A 2 -13.34 5.90 -20.73
CA LYS A 2 -13.03 5.54 -19.34
C LYS A 2 -12.36 4.17 -19.25
N ARG A 3 -11.13 4.09 -19.75
CA ARG A 3 -10.38 2.84 -19.78
C ARG A 3 -9.34 2.81 -18.67
N GLN A 4 -9.56 3.59 -17.62
CA GLN A 4 -8.61 3.68 -16.51
C GLN A 4 -8.97 2.68 -15.40
N LYS A 5 -8.47 1.47 -15.53
CA LYS A 5 -8.65 0.46 -14.50
C LYS A 5 -7.34 0.22 -13.78
N ARG A 6 -6.34 -0.16 -14.55
CA ARG A 6 -5.02 -0.50 -14.03
C ARG A 6 -4.28 0.77 -13.63
N ASP A 7 -4.60 1.85 -14.33
CA ASP A 7 -4.01 3.16 -14.07
C ASP A 7 -4.11 3.53 -12.59
N ARG A 8 -5.35 3.60 -12.11
CA ARG A 8 -5.62 4.02 -10.74
C ARG A 8 -5.15 2.96 -9.74
N LEU A 9 -5.13 1.71 -10.15
CA LEU A 9 -4.72 0.63 -9.25
C LEU A 9 -3.21 0.62 -9.02
N GLU A 10 -2.45 0.90 -10.06
CA GLU A 10 -0.99 1.05 -9.89
C GLU A 10 -0.71 2.29 -9.06
N ARG A 11 -1.59 3.27 -9.17
CA ARG A 11 -1.48 4.50 -8.40
C ARG A 11 -1.80 4.19 -6.95
N ALA A 12 -2.79 3.33 -6.75
CA ALA A 12 -3.15 2.83 -5.43
C ALA A 12 -2.00 2.01 -4.87
N GLN A 13 -1.24 1.36 -5.74
CA GLN A 13 -0.08 0.59 -5.31
C GLN A 13 0.96 1.51 -4.67
N SER A 14 1.28 2.59 -5.38
CA SER A 14 2.22 3.57 -4.86
C SER A 14 1.63 4.28 -3.63
N GLN A 15 0.33 4.53 -3.68
CA GLN A 15 -0.37 5.18 -2.58
C GLN A 15 -0.36 4.29 -1.34
N GLY A 16 -0.60 3.00 -1.53
CA GLY A 16 -0.62 2.06 -0.43
C GLY A 16 0.73 1.92 0.23
N TYR A 17 1.77 1.94 -0.59
CA TYR A 17 3.13 1.87 -0.07
C TYR A 17 3.43 3.11 0.76
N LYS A 18 2.96 4.26 0.29
CA LYS A 18 3.07 5.51 1.02
C LYS A 18 2.17 5.49 2.26
N ALA A 19 1.07 4.76 2.15
CA ALA A 19 0.08 4.68 3.23
C ALA A 19 0.58 3.78 4.34
N GLY A 20 1.49 2.89 4.00
CA GLY A 20 2.12 2.05 5.00
C GLY A 20 3.03 2.85 5.91
N LEU A 21 3.48 3.98 5.40
CA LEU A 21 4.33 4.89 6.16
C LEU A 21 3.49 6.01 6.74
N ASN A 22 2.66 6.59 5.88
CA ASN A 22 1.92 7.79 6.20
C ASN A 22 0.48 7.51 6.59
N GLY A 23 -0.14 6.54 5.92
CA GLY A 23 -1.56 6.33 6.11
C GLY A 23 -1.87 5.61 7.39
N ARG A 24 -0.85 4.91 7.89
CA ARG A 24 -0.93 4.14 9.14
C ARG A 24 -1.89 2.96 9.05
N SER A 25 -3.16 3.24 8.79
CA SER A 25 -4.20 2.22 8.79
C SER A 25 -4.64 1.86 7.37
N GLN A 26 -5.48 0.84 7.25
CA GLN A 26 -6.07 0.45 5.98
C GLN A 26 -7.26 1.35 5.68
N GLU A 27 -7.70 2.04 6.72
CA GLU A 27 -8.78 3.02 6.65
C GLU A 27 -8.47 4.11 5.63
N ALA A 28 -7.24 4.14 5.17
CA ALA A 28 -6.77 5.15 4.24
C ALA A 28 -6.92 4.71 2.78
N CYS A 29 -7.84 3.75 2.53
CA CYS A 29 -8.07 3.27 1.16
C CYS A 29 -9.42 3.76 0.62
N PRO A 30 -9.44 4.92 -0.03
CA PRO A 30 -10.65 5.50 -0.61
C PRO A 30 -10.91 5.09 -2.07
N TYR A 31 -10.24 4.03 -2.52
CA TYR A 31 -10.29 3.66 -3.94
C TYR A 31 -11.26 2.50 -4.18
N GLN A 32 -10.90 1.33 -3.70
CA GLN A 32 -11.66 0.11 -3.95
C GLN A 32 -11.40 -0.87 -2.81
N GLN A 33 -12.06 -2.01 -2.81
CA GLN A 33 -11.79 -3.02 -1.80
C GLN A 33 -10.90 -4.14 -2.33
N VAL A 34 -11.48 -5.03 -3.13
CA VAL A 34 -10.78 -6.22 -3.59
C VAL A 34 -9.58 -5.86 -4.46
N ASP A 35 -9.84 -5.10 -5.50
CA ASP A 35 -8.80 -4.71 -6.46
C ASP A 35 -7.74 -3.89 -5.77
N ALA A 36 -8.21 -2.99 -4.92
CA ALA A 36 -7.34 -2.11 -4.19
C ALA A 36 -6.58 -2.87 -3.11
N ARG A 37 -7.16 -3.94 -2.61
CA ARG A 37 -6.46 -4.78 -1.66
C ARG A 37 -5.16 -5.31 -2.27
N SER A 38 -5.28 -5.84 -3.48
CA SER A 38 -4.15 -6.46 -4.15
C SER A 38 -3.05 -5.43 -4.42
N TYR A 39 -3.46 -4.25 -4.84
CA TYR A 39 -2.49 -3.21 -5.16
C TYR A 39 -2.13 -2.35 -3.96
N TRP A 40 -3.12 -1.68 -3.40
CA TRP A 40 -2.94 -0.73 -2.31
C TRP A 40 -2.56 -1.44 -1.01
N LEU A 41 -3.32 -2.46 -0.63
CA LEU A 41 -3.17 -3.06 0.69
C LEU A 41 -1.92 -3.95 0.72
N GLY A 42 -1.64 -4.58 -0.41
CA GLY A 42 -0.42 -5.36 -0.53
C GLY A 42 0.80 -4.50 -0.32
N GLY A 43 0.80 -3.32 -0.92
CA GLY A 43 1.89 -2.38 -0.74
C GLY A 43 1.94 -1.83 0.67
N TRP A 44 0.77 -1.63 1.26
CA TRP A 44 0.66 -1.18 2.64
C TRP A 44 1.38 -2.15 3.59
N ARG A 45 1.11 -3.44 3.41
CA ARG A 45 1.74 -4.47 4.24
C ARG A 45 3.23 -4.56 3.98
N ASP A 46 3.64 -4.35 2.74
CA ASP A 46 5.05 -4.44 2.38
C ASP A 46 5.82 -3.24 2.93
N ALA A 47 5.20 -2.07 2.86
CA ALA A 47 5.78 -0.85 3.41
C ALA A 47 6.06 -1.01 4.89
N ARG A 48 5.12 -1.64 5.60
CA ARG A 48 5.30 -1.96 7.00
C ARG A 48 6.59 -2.75 7.20
N ASP A 49 6.73 -3.83 6.43
CA ASP A 49 7.87 -4.73 6.55
C ASP A 49 9.18 -4.09 6.05
N GLU A 50 9.05 -2.97 5.36
CA GLU A 50 10.20 -2.27 4.81
C GLU A 50 10.78 -1.35 5.87
N LYS A 51 9.90 -0.89 6.75
CA LYS A 51 10.31 -0.04 7.85
C LYS A 51 10.61 -0.93 9.03
N GLN A 52 10.13 -2.15 8.93
CA GLN A 52 10.31 -3.13 9.99
C GLN A 52 11.59 -3.94 9.78
N SER A 53 12.05 -4.01 8.55
CA SER A 53 13.28 -4.73 8.24
C SER A 53 14.51 -3.90 8.63
N GLY A 54 14.28 -2.66 9.02
CA GLY A 54 15.35 -1.79 9.45
C GLY A 54 15.89 -2.19 10.82
N LEU A 55 15.14 -3.03 11.52
CA LEU A 55 15.56 -3.53 12.82
C LEU A 55 16.35 -4.82 12.66
N TYR A 56 15.65 -5.83 12.13
CA TYR A 56 16.18 -7.19 11.96
C TYR A 56 16.35 -7.85 13.34
N LYS A 57 17.26 -7.27 14.13
CA LYS A 57 17.55 -7.69 15.51
C LYS A 57 18.91 -7.11 15.93
N LEU A 58 19.35 -6.05 15.26
CA LEU A 58 20.68 -5.50 15.44
C LEU A 58 20.66 -3.99 15.39
N GLU A 59 19.85 -3.45 14.49
CA GLU A 59 19.81 -2.02 14.19
C GLU A 59 21.12 -1.60 13.54
N HIS A 60 21.17 -1.70 12.22
CA HIS A 60 22.32 -1.28 11.46
C HIS A 60 22.47 0.24 11.60
N MET A 1 -3.06 12.67 -16.46
CA MET A 1 -2.71 11.35 -15.87
C MET A 1 -3.65 10.27 -16.39
N LYS A 2 -3.49 9.05 -15.90
CA LYS A 2 -4.25 7.92 -16.41
C LYS A 2 -5.71 7.98 -15.98
N ARG A 3 -6.58 7.36 -16.77
CA ARG A 3 -7.99 7.24 -16.42
C ARG A 3 -8.51 5.83 -16.71
N GLN A 4 -7.60 4.87 -16.68
CA GLN A 4 -7.95 3.46 -16.87
C GLN A 4 -8.50 2.89 -15.57
N LYS A 5 -8.83 1.62 -15.60
CA LYS A 5 -9.23 0.90 -14.40
C LYS A 5 -8.01 0.61 -13.55
N ARG A 6 -6.92 0.26 -14.23
CA ARG A 6 -5.65 0.00 -13.57
C ARG A 6 -5.06 1.28 -12.98
N ASP A 7 -5.56 2.43 -13.45
CA ASP A 7 -5.07 3.73 -12.97
C ASP A 7 -5.08 3.79 -11.46
N ARG A 8 -6.27 3.62 -10.91
CA ARG A 8 -6.48 3.77 -9.48
C ARG A 8 -5.84 2.61 -8.72
N LEU A 9 -5.50 1.55 -9.44
CA LEU A 9 -4.91 0.37 -8.83
C LEU A 9 -3.39 0.47 -8.80
N GLU A 10 -2.80 0.82 -9.92
CA GLU A 10 -1.34 0.96 -10.01
C GLU A 10 -0.89 2.13 -9.15
N ARG A 11 -1.76 3.12 -9.02
CA ARG A 11 -1.47 4.27 -8.20
C ARG A 11 -1.82 3.98 -6.75
N ALA A 12 -2.77 3.08 -6.53
CA ALA A 12 -3.03 2.56 -5.19
C ALA A 12 -1.83 1.76 -4.72
N GLN A 13 -1.16 1.11 -5.66
CA GLN A 13 0.03 0.33 -5.36
C GLN A 13 1.13 1.23 -4.83
N SER A 14 1.27 2.40 -5.43
CA SER A 14 2.27 3.36 -5.01
C SER A 14 1.79 4.16 -3.80
N GLN A 15 0.51 4.52 -3.80
CA GLN A 15 -0.06 5.30 -2.70
C GLN A 15 -0.17 4.43 -1.45
N GLY A 16 -0.27 3.13 -1.66
CA GLY A 16 -0.24 2.20 -0.54
C GLY A 16 1.10 2.22 0.16
N TYR A 17 2.16 2.36 -0.64
CA TYR A 17 3.50 2.51 -0.09
C TYR A 17 3.58 3.80 0.72
N LYS A 18 3.05 4.88 0.15
CA LYS A 18 2.94 6.15 0.83
C LYS A 18 2.07 6.00 2.08
N ALA A 19 1.06 5.16 1.99
CA ALA A 19 0.13 4.95 3.09
C ALA A 19 0.79 4.18 4.23
N GLY A 20 1.64 3.24 3.91
CA GLY A 20 2.38 2.54 4.93
C GLY A 20 3.33 3.44 5.68
N LEU A 21 3.82 4.45 4.97
CA LEU A 21 4.71 5.44 5.54
C LEU A 21 3.93 6.48 6.32
N ASN A 22 2.93 7.05 5.65
CA ASN A 22 2.22 8.22 6.14
C ASN A 22 0.90 7.86 6.78
N GLY A 23 0.18 6.95 6.14
CA GLY A 23 -1.18 6.70 6.54
C GLY A 23 -1.24 5.75 7.70
N ARG A 24 -0.15 5.00 7.85
CA ARG A 24 -0.01 3.98 8.90
C ARG A 24 -0.99 2.82 8.73
N SER A 25 -2.28 3.13 8.73
CA SER A 25 -3.34 2.12 8.78
C SER A 25 -3.84 1.75 7.39
N GLN A 26 -4.74 0.77 7.35
CA GLN A 26 -5.37 0.33 6.10
C GLN A 26 -6.58 1.20 5.80
N GLU A 27 -7.03 1.91 6.84
CA GLU A 27 -8.16 2.83 6.74
C GLU A 27 -7.89 3.90 5.66
N ALA A 28 -6.63 4.05 5.31
CA ALA A 28 -6.18 5.06 4.36
C ALA A 28 -6.39 4.62 2.91
N CYS A 29 -7.26 3.64 2.70
CA CYS A 29 -7.53 3.14 1.35
C CYS A 29 -8.92 3.58 0.86
N PRO A 30 -8.98 4.71 0.15
CA PRO A 30 -10.24 5.22 -0.42
C PRO A 30 -10.47 4.75 -1.87
N TYR A 31 -10.18 3.48 -2.15
CA TYR A 31 -10.27 2.98 -3.51
C TYR A 31 -11.39 1.95 -3.67
N GLN A 32 -11.08 0.69 -3.39
CA GLN A 32 -11.96 -0.43 -3.68
C GLN A 32 -11.66 -1.54 -2.66
N GLN A 33 -12.35 -2.68 -2.78
CA GLN A 33 -12.03 -3.81 -1.91
C GLN A 33 -11.15 -4.84 -2.59
N VAL A 34 -11.74 -5.64 -3.47
CA VAL A 34 -11.06 -6.80 -4.05
C VAL A 34 -9.77 -6.41 -4.75
N ASP A 35 -9.89 -5.60 -5.77
CA ASP A 35 -8.74 -5.25 -6.60
C ASP A 35 -7.79 -4.42 -5.83
N ALA A 36 -8.34 -3.59 -4.98
CA ALA A 36 -7.55 -2.67 -4.23
C ALA A 36 -6.72 -3.40 -3.19
N ARG A 37 -7.24 -4.49 -2.66
CA ARG A 37 -6.46 -5.34 -1.77
C ARG A 37 -5.22 -5.83 -2.49
N SER A 38 -5.42 -6.33 -3.71
CA SER A 38 -4.35 -6.95 -4.48
C SER A 38 -3.26 -5.94 -4.82
N TYR A 39 -3.64 -4.68 -5.00
CA TYR A 39 -2.68 -3.67 -5.39
C TYR A 39 -2.23 -2.80 -4.21
N TRP A 40 -3.19 -2.21 -3.52
CA TRP A 40 -2.90 -1.24 -2.46
C TRP A 40 -2.22 -1.92 -1.27
N LEU A 41 -2.68 -3.10 -0.90
CA LEU A 41 -2.12 -3.80 0.25
C LEU A 41 -0.73 -4.33 -0.05
N GLY A 42 -0.45 -4.51 -1.33
CA GLY A 42 0.87 -4.96 -1.71
C GLY A 42 1.93 -3.91 -1.43
N GLY A 43 1.64 -2.68 -1.82
CA GLY A 43 2.53 -1.59 -1.52
C GLY A 43 2.51 -1.22 -0.05
N TRP A 44 1.34 -1.37 0.56
CA TRP A 44 1.17 -1.08 1.97
C TRP A 44 2.02 -2.00 2.83
N ARG A 45 1.92 -3.30 2.58
CA ARG A 45 2.70 -4.28 3.33
C ARG A 45 4.18 -4.10 3.09
N ASP A 46 4.54 -3.76 1.85
CA ASP A 46 5.94 -3.49 1.51
C ASP A 46 6.48 -2.36 2.38
N ALA A 47 5.81 -1.21 2.29
CA ALA A 47 6.21 -0.03 3.04
C ALA A 47 6.17 -0.29 4.55
N ARG A 48 5.06 -0.85 5.01
CA ARG A 48 4.83 -1.02 6.43
C ARG A 48 5.86 -1.96 7.03
N ASP A 49 6.04 -3.13 6.43
CA ASP A 49 6.92 -4.15 7.00
C ASP A 49 8.39 -3.80 6.80
N GLU A 50 8.65 -2.90 5.87
CA GLU A 50 10.01 -2.47 5.58
C GLU A 50 10.45 -1.50 6.64
N LYS A 51 9.47 -0.80 7.17
CA LYS A 51 9.66 0.12 8.26
C LYS A 51 9.51 -0.64 9.56
N GLN A 52 8.87 -1.79 9.45
CA GLN A 52 8.50 -2.57 10.62
C GLN A 52 9.62 -3.51 11.06
N SER A 53 9.79 -4.59 10.32
CA SER A 53 10.74 -5.64 10.70
C SER A 53 12.16 -5.25 10.38
N GLY A 54 12.32 -4.34 9.42
CA GLY A 54 13.63 -3.86 9.07
C GLY A 54 14.11 -2.82 10.05
N LEU A 55 13.16 -2.30 10.84
CA LEU A 55 13.43 -1.25 11.82
C LEU A 55 13.94 0.01 11.14
N TYR A 56 12.99 0.86 10.74
CA TYR A 56 13.29 2.12 10.07
C TYR A 56 14.22 3.03 10.89
N LYS A 57 14.26 2.79 12.21
CA LYS A 57 15.00 3.64 13.13
C LYS A 57 14.27 4.97 13.32
N LEU A 58 13.24 4.93 14.15
CA LEU A 58 12.45 6.10 14.44
C LEU A 58 12.96 6.79 15.70
N GLU A 59 12.61 8.05 15.85
CA GLU A 59 13.03 8.84 17.00
C GLU A 59 12.16 10.08 17.14
N HIS A 60 11.22 10.02 18.08
CA HIS A 60 10.33 11.15 18.35
C HIS A 60 10.13 11.34 19.84
N MET A 1 -18.57 1.24 -20.13
CA MET A 1 -17.15 1.01 -20.48
C MET A 1 -16.25 1.99 -19.75
N LYS A 2 -15.20 1.47 -19.14
CA LYS A 2 -14.20 2.31 -18.48
C LYS A 2 -12.84 2.04 -19.09
N ARG A 3 -11.95 3.01 -19.00
CA ARG A 3 -10.59 2.84 -19.48
C ARG A 3 -9.64 2.55 -18.33
N GLN A 4 -9.54 3.51 -17.42
CA GLN A 4 -8.57 3.44 -16.34
C GLN A 4 -9.11 2.66 -15.16
N LYS A 5 -9.02 1.34 -15.23
CA LYS A 5 -9.45 0.47 -14.16
C LYS A 5 -8.26 0.08 -13.28
N ARG A 6 -7.19 -0.36 -13.92
CA ARG A 6 -5.98 -0.77 -13.21
C ARG A 6 -5.03 0.40 -13.05
N ASP A 7 -5.27 1.45 -13.83
CA ASP A 7 -4.47 2.67 -13.76
C ASP A 7 -4.44 3.22 -12.34
N ARG A 8 -5.61 3.29 -11.71
CA ARG A 8 -5.71 3.82 -10.36
C ARG A 8 -5.34 2.75 -9.33
N LEU A 9 -5.12 1.53 -9.79
CA LEU A 9 -4.67 0.46 -8.93
C LEU A 9 -3.15 0.45 -8.86
N GLU A 10 -2.51 0.71 -9.99
CA GLU A 10 -1.07 0.92 -10.03
C GLU A 10 -0.73 2.19 -9.25
N ARG A 11 -1.68 3.10 -9.26
CA ARG A 11 -1.55 4.36 -8.53
C ARG A 11 -1.78 4.09 -7.05
N ALA A 12 -2.74 3.22 -6.78
CA ALA A 12 -3.04 2.80 -5.42
C ALA A 12 -1.86 2.05 -4.82
N GLN A 13 -1.03 1.46 -5.68
CA GLN A 13 0.16 0.77 -5.22
C GLN A 13 1.13 1.77 -4.57
N SER A 14 1.38 2.86 -5.27
CA SER A 14 2.23 3.91 -4.75
C SER A 14 1.57 4.60 -3.55
N GLN A 15 0.26 4.77 -3.64
CA GLN A 15 -0.51 5.37 -2.56
C GLN A 15 -0.47 4.49 -1.32
N GLY A 16 -0.54 3.19 -1.52
CA GLY A 16 -0.47 2.24 -0.42
C GLY A 16 0.91 2.23 0.21
N TYR A 17 1.93 2.35 -0.62
CA TYR A 17 3.30 2.46 -0.13
C TYR A 17 3.40 3.68 0.78
N LYS A 18 2.85 4.80 0.30
CA LYS A 18 2.79 6.04 1.06
C LYS A 18 1.93 5.86 2.31
N ALA A 19 0.91 5.03 2.19
CA ALA A 19 0.01 4.77 3.31
C ALA A 19 0.70 3.94 4.39
N GLY A 20 1.73 3.20 4.01
CA GLY A 20 2.51 2.48 4.98
C GLY A 20 3.35 3.42 5.82
N LEU A 21 3.80 4.50 5.19
CA LEU A 21 4.56 5.54 5.86
C LEU A 21 3.62 6.49 6.58
N ASN A 22 2.76 7.12 5.80
CA ASN A 22 1.93 8.22 6.26
C ASN A 22 0.50 7.78 6.56
N GLY A 23 0.02 6.78 5.86
CA GLY A 23 -1.39 6.43 5.94
C GLY A 23 -1.74 5.77 7.26
N ARG A 24 -0.72 5.24 7.92
CA ARG A 24 -0.85 4.57 9.21
C ARG A 24 -1.60 3.23 9.12
N SER A 25 -2.80 3.26 8.57
CA SER A 25 -3.67 2.09 8.58
C SER A 25 -4.21 1.76 7.18
N GLN A 26 -4.90 0.63 7.08
CA GLN A 26 -5.51 0.19 5.83
C GLN A 26 -6.83 0.93 5.61
N GLU A 27 -7.31 1.54 6.69
CA GLU A 27 -8.54 2.33 6.67
C GLU A 27 -8.43 3.48 5.66
N ALA A 28 -7.20 3.82 5.31
CA ALA A 28 -6.91 4.94 4.42
C ALA A 28 -7.00 4.54 2.94
N CYS A 29 -7.81 3.53 2.64
CA CYS A 29 -7.99 3.09 1.26
C CYS A 29 -9.35 3.54 0.71
N PRO A 30 -9.38 4.68 0.02
CA PRO A 30 -10.61 5.24 -0.56
C PRO A 30 -10.83 4.89 -2.04
N TYR A 31 -10.13 3.87 -2.55
CA TYR A 31 -10.20 3.55 -3.97
C TYR A 31 -11.16 2.40 -4.27
N GLN A 32 -10.65 1.19 -4.16
CA GLN A 32 -11.41 -0.01 -4.49
C GLN A 32 -11.38 -0.94 -3.28
N GLN A 33 -12.06 -2.06 -3.35
CA GLN A 33 -12.03 -3.00 -2.26
C GLN A 33 -11.08 -4.17 -2.53
N VAL A 34 -11.50 -5.10 -3.37
CA VAL A 34 -10.72 -6.30 -3.65
C VAL A 34 -9.48 -5.96 -4.46
N ASP A 35 -9.69 -5.24 -5.54
CA ASP A 35 -8.63 -4.86 -6.45
C ASP A 35 -7.60 -4.02 -5.71
N ALA A 36 -8.11 -3.08 -4.94
CA ALA A 36 -7.28 -2.18 -4.18
C ALA A 36 -6.51 -2.92 -3.10
N ARG A 37 -7.09 -3.98 -2.57
CA ARG A 37 -6.38 -4.77 -1.58
C ARG A 37 -5.09 -5.32 -2.17
N SER A 38 -5.20 -5.95 -3.33
CA SER A 38 -4.06 -6.62 -3.95
C SER A 38 -3.00 -5.60 -4.39
N TYR A 39 -3.43 -4.39 -4.70
CA TYR A 39 -2.50 -3.37 -5.14
C TYR A 39 -2.12 -2.40 -4.02
N TRP A 40 -3.11 -1.67 -3.53
CA TRP A 40 -2.90 -0.66 -2.50
C TRP A 40 -2.35 -1.29 -1.21
N LEU A 41 -2.99 -2.36 -0.76
CA LEU A 41 -2.61 -2.97 0.51
C LEU A 41 -1.37 -3.83 0.30
N GLY A 42 -1.15 -4.26 -0.93
CA GLY A 42 0.06 -4.97 -1.28
C GLY A 42 1.28 -4.08 -1.09
N GLY A 43 1.18 -2.84 -1.54
CA GLY A 43 2.25 -1.87 -1.33
C GLY A 43 2.34 -1.44 0.11
N TRP A 44 1.18 -1.33 0.75
CA TRP A 44 1.10 -0.99 2.16
C TRP A 44 1.85 -2.02 3.00
N ARG A 45 1.53 -3.29 2.76
CA ARG A 45 2.15 -4.40 3.48
C ARG A 45 3.64 -4.45 3.23
N ASP A 46 4.06 -4.09 2.02
CA ASP A 46 5.47 -4.08 1.65
C ASP A 46 6.23 -3.03 2.44
N ALA A 47 5.76 -1.78 2.34
CA ALA A 47 6.41 -0.65 2.99
C ALA A 47 6.38 -0.80 4.51
N ARG A 48 5.25 -1.22 5.04
CA ARG A 48 5.10 -1.38 6.48
C ARG A 48 6.09 -2.41 7.01
N ASP A 49 6.19 -3.53 6.30
CA ASP A 49 7.09 -4.61 6.71
C ASP A 49 8.54 -4.25 6.40
N GLU A 50 8.72 -3.21 5.61
CA GLU A 50 10.06 -2.77 5.21
C GLU A 50 10.68 -1.99 6.35
N LYS A 51 9.83 -1.27 7.08
CA LYS A 51 10.29 -0.53 8.24
C LYS A 51 10.22 -1.46 9.43
N GLN A 52 9.50 -2.54 9.22
CA GLN A 52 9.36 -3.59 10.23
C GLN A 52 10.60 -4.48 10.20
N SER A 53 11.31 -4.45 9.08
CA SER A 53 12.53 -5.21 8.90
C SER A 53 13.74 -4.42 9.45
N GLY A 54 13.46 -3.29 10.09
CA GLY A 54 14.51 -2.48 10.68
C GLY A 54 15.33 -3.26 11.69
N LEU A 55 14.69 -4.24 12.32
CA LEU A 55 15.38 -5.16 13.20
C LEU A 55 15.67 -6.46 12.46
N TYR A 56 16.43 -6.35 11.39
CA TYR A 56 16.74 -7.49 10.53
C TYR A 56 17.75 -8.43 11.19
N LYS A 57 18.23 -8.07 12.38
CA LYS A 57 19.27 -8.85 13.03
C LYS A 57 19.41 -8.47 14.51
N LEU A 58 19.65 -7.19 14.77
CA LEU A 58 19.90 -6.71 16.12
C LEU A 58 18.65 -6.83 17.00
N GLU A 59 18.86 -6.75 18.30
CA GLU A 59 17.80 -6.92 19.27
C GLU A 59 17.54 -5.59 19.99
N HIS A 60 16.95 -5.66 21.20
CA HIS A 60 16.62 -4.49 22.02
C HIS A 60 15.31 -3.86 21.57
N MET A 1 -12.71 2.31 -20.70
CA MET A 1 -13.42 1.07 -20.32
C MET A 1 -12.58 0.24 -19.34
N LYS A 2 -11.57 -0.45 -19.87
CA LYS A 2 -10.85 -1.46 -19.11
C LYS A 2 -9.48 -0.96 -18.63
N ARG A 3 -8.82 -0.14 -19.45
CA ARG A 3 -7.45 0.29 -19.17
C ARG A 3 -7.40 1.26 -17.99
N GLN A 4 -8.50 1.94 -17.77
CA GLN A 4 -8.57 2.99 -16.76
C GLN A 4 -8.45 2.45 -15.33
N LYS A 5 -9.02 1.28 -15.09
CA LYS A 5 -9.05 0.75 -13.73
C LYS A 5 -7.69 0.24 -13.30
N ARG A 6 -6.86 -0.18 -14.27
CA ARG A 6 -5.50 -0.59 -13.96
C ARG A 6 -4.67 0.63 -13.58
N ASP A 7 -4.82 1.70 -14.36
CA ASP A 7 -4.12 2.96 -14.11
C ASP A 7 -4.27 3.38 -12.66
N ARG A 8 -5.52 3.42 -12.24
CA ARG A 8 -5.88 3.85 -10.90
C ARG A 8 -5.23 2.95 -9.84
N LEU A 9 -5.08 1.68 -10.15
CA LEU A 9 -4.55 0.71 -9.20
C LEU A 9 -3.02 0.70 -9.23
N GLU A 10 -2.42 0.95 -10.39
CA GLU A 10 -0.98 1.07 -10.51
C GLU A 10 -0.48 2.20 -9.62
N ARG A 11 -1.33 3.21 -9.48
CA ARG A 11 -1.02 4.35 -8.64
C ARG A 11 -1.46 4.10 -7.21
N ALA A 12 -2.55 3.34 -7.07
CA ALA A 12 -3.03 2.94 -5.75
C ALA A 12 -1.96 2.13 -5.02
N GLN A 13 -1.14 1.44 -5.79
CA GLN A 13 -0.05 0.65 -5.21
C GLN A 13 0.99 1.57 -4.58
N SER A 14 1.44 2.56 -5.35
CA SER A 14 2.40 3.53 -4.85
C SER A 14 1.78 4.36 -3.73
N GLN A 15 0.49 4.65 -3.87
CA GLN A 15 -0.26 5.38 -2.86
C GLN A 15 -0.29 4.59 -1.56
N GLY A 16 -0.57 3.29 -1.68
CA GLY A 16 -0.60 2.43 -0.51
C GLY A 16 0.75 2.30 0.14
N TYR A 17 1.80 2.34 -0.66
CA TYR A 17 3.17 2.30 -0.13
C TYR A 17 3.41 3.52 0.74
N LYS A 18 3.08 4.69 0.20
CA LYS A 18 3.20 5.95 0.95
C LYS A 18 2.26 5.95 2.14
N ALA A 19 1.11 5.28 1.98
CA ALA A 19 0.15 5.14 3.07
C ALA A 19 0.67 4.18 4.14
N GLY A 20 1.71 3.43 3.80
CA GLY A 20 2.34 2.58 4.77
C GLY A 20 3.17 3.37 5.76
N LEU A 21 3.76 4.45 5.25
CA LEU A 21 4.57 5.33 6.09
C LEU A 21 3.69 6.45 6.65
N ASN A 22 2.85 7.00 5.80
CA ASN A 22 2.05 8.17 6.13
C ASN A 22 0.62 7.83 6.51
N GLY A 23 0.03 6.85 5.83
CA GLY A 23 -1.38 6.57 6.00
C GLY A 23 -1.67 5.83 7.29
N ARG A 24 -0.61 5.24 7.85
CA ARG A 24 -0.67 4.52 9.12
C ARG A 24 -1.46 3.21 9.01
N SER A 25 -2.75 3.33 8.74
CA SER A 25 -3.65 2.19 8.80
C SER A 25 -4.14 1.79 7.40
N GLN A 26 -4.79 0.62 7.34
CA GLN A 26 -5.37 0.11 6.09
C GLN A 26 -6.77 0.68 5.92
N GLU A 27 -7.21 1.38 6.97
CA GLU A 27 -8.53 2.00 7.01
C GLU A 27 -8.53 3.28 6.19
N ALA A 28 -7.48 3.46 5.40
CA ALA A 28 -7.34 4.64 4.57
C ALA A 28 -7.32 4.25 3.09
N CYS A 29 -7.96 3.14 2.76
CA CYS A 29 -8.01 2.66 1.38
C CYS A 29 -9.37 2.96 0.74
N PRO A 30 -9.50 4.13 0.08
CA PRO A 30 -10.76 4.58 -0.50
C PRO A 30 -10.96 4.20 -1.97
N TYR A 31 -10.02 3.46 -2.54
CA TYR A 31 -10.05 3.17 -3.97
C TYR A 31 -11.06 2.08 -4.32
N GLN A 32 -10.78 0.86 -3.91
CA GLN A 32 -11.60 -0.29 -4.28
C GLN A 32 -11.60 -1.27 -3.10
N GLN A 33 -12.14 -2.46 -3.29
CA GLN A 33 -12.08 -3.47 -2.25
C GLN A 33 -11.00 -4.50 -2.52
N VAL A 34 -11.30 -5.40 -3.44
CA VAL A 34 -10.44 -6.55 -3.72
C VAL A 34 -9.21 -6.10 -4.50
N ASP A 35 -9.45 -5.33 -5.54
CA ASP A 35 -8.37 -4.85 -6.39
C ASP A 35 -7.45 -3.95 -5.59
N ALA A 36 -8.07 -3.06 -4.82
CA ALA A 36 -7.35 -2.11 -4.01
C ALA A 36 -6.57 -2.81 -2.91
N ARG A 37 -7.10 -3.92 -2.42
CA ARG A 37 -6.41 -4.70 -1.41
C ARG A 37 -5.05 -5.17 -1.95
N SER A 38 -5.07 -5.78 -3.13
CA SER A 38 -3.88 -6.41 -3.68
C SER A 38 -2.84 -5.36 -4.06
N TYR A 39 -3.32 -4.17 -4.42
CA TYR A 39 -2.42 -3.09 -4.81
C TYR A 39 -2.08 -2.19 -3.64
N TRP A 40 -3.08 -1.46 -3.16
CA TRP A 40 -2.91 -0.46 -2.12
C TRP A 40 -2.48 -1.11 -0.82
N LEU A 41 -3.18 -2.16 -0.42
CA LEU A 41 -2.95 -2.76 0.89
C LEU A 41 -1.70 -3.64 0.84
N GLY A 42 -1.47 -4.26 -0.32
CA GLY A 42 -0.25 -4.99 -0.54
C GLY A 42 0.96 -4.10 -0.43
N GLY A 43 0.85 -2.92 -1.03
CA GLY A 43 1.90 -1.92 -0.92
C GLY A 43 2.04 -1.42 0.50
N TRP A 44 0.91 -1.26 1.17
CA TRP A 44 0.88 -0.84 2.57
C TRP A 44 1.69 -1.80 3.44
N ARG A 45 1.37 -3.10 3.34
CA ARG A 45 2.04 -4.12 4.14
C ARG A 45 3.51 -4.22 3.76
N ASP A 46 3.80 -4.07 2.49
CA ASP A 46 5.17 -4.13 2.00
C ASP A 46 5.99 -3.00 2.63
N ALA A 47 5.47 -1.79 2.55
CA ALA A 47 6.12 -0.62 3.13
C ALA A 47 6.20 -0.74 4.65
N ARG A 48 5.11 -1.21 5.24
CA ARG A 48 5.04 -1.42 6.68
C ARG A 48 6.13 -2.39 7.13
N ASP A 49 6.25 -3.51 6.40
CA ASP A 49 7.21 -4.55 6.73
C ASP A 49 8.62 -4.14 6.31
N GLU A 50 8.70 -3.08 5.54
CA GLU A 50 9.97 -2.54 5.04
C GLU A 50 10.57 -1.64 6.11
N LYS A 51 9.68 -1.10 6.93
CA LYS A 51 10.07 -0.28 8.05
C LYS A 51 10.13 -1.16 9.29
N GLN A 52 9.52 -2.32 9.15
CA GLN A 52 9.42 -3.27 10.25
C GLN A 52 10.61 -4.20 10.30
N SER A 53 10.87 -4.89 9.19
CA SER A 53 11.96 -5.85 9.12
C SER A 53 13.29 -5.17 8.85
N GLY A 54 13.26 -3.84 8.76
CA GLY A 54 14.48 -3.07 8.51
C GLY A 54 15.35 -2.99 9.74
N LEU A 55 14.96 -3.68 10.79
CA LEU A 55 15.68 -3.67 12.05
C LEU A 55 16.60 -4.88 12.16
N TYR A 56 16.64 -5.69 11.10
CA TYR A 56 17.55 -6.84 11.01
C TYR A 56 17.25 -7.87 12.10
N LYS A 57 16.06 -7.80 12.68
CA LYS A 57 15.70 -8.66 13.80
C LYS A 57 15.37 -10.08 13.35
N LEU A 58 15.38 -10.33 12.04
CA LEU A 58 15.03 -11.63 11.51
C LEU A 58 16.28 -12.48 11.27
N GLU A 59 17.25 -11.91 10.56
CA GLU A 59 18.46 -12.63 10.17
C GLU A 59 18.12 -13.85 9.32
N HIS A 60 19.05 -14.80 9.22
CA HIS A 60 18.84 -15.99 8.43
C HIS A 60 19.09 -17.24 9.26
N MET A 1 -11.84 -4.59 -20.08
CA MET A 1 -10.44 -4.92 -20.43
C MET A 1 -9.48 -4.28 -19.43
N LYS A 2 -9.50 -2.95 -19.40
CA LYS A 2 -8.66 -2.19 -18.49
C LYS A 2 -9.34 -0.87 -18.14
N ARG A 3 -9.35 0.03 -19.13
CA ARG A 3 -9.98 1.36 -19.03
C ARG A 3 -9.22 2.26 -18.06
N GLN A 4 -9.24 1.90 -16.80
CA GLN A 4 -8.58 2.68 -15.76
C GLN A 4 -8.38 1.85 -14.48
N LYS A 5 -8.55 0.53 -14.58
CA LYS A 5 -8.40 -0.35 -13.44
C LYS A 5 -6.97 -0.33 -12.91
N ARG A 6 -6.07 -0.89 -13.70
CA ARG A 6 -4.68 -1.03 -13.30
C ARG A 6 -4.03 0.34 -13.14
N ASP A 7 -4.60 1.34 -13.80
CA ASP A 7 -4.10 2.70 -13.70
C ASP A 7 -4.12 3.19 -12.25
N ARG A 8 -5.32 3.28 -11.70
CA ARG A 8 -5.50 3.74 -10.32
C ARG A 8 -4.90 2.75 -9.34
N LEU A 9 -4.88 1.48 -9.72
CA LEU A 9 -4.32 0.43 -8.87
C LEU A 9 -2.80 0.53 -8.81
N GLU A 10 -2.18 0.87 -9.92
CA GLU A 10 -0.73 1.09 -9.95
C GLU A 10 -0.37 2.22 -9.00
N ARG A 11 -1.21 3.24 -8.99
CA ARG A 11 -1.00 4.40 -8.14
C ARG A 11 -1.33 4.03 -6.70
N ALA A 12 -2.41 3.26 -6.55
CA ALA A 12 -2.83 2.76 -5.25
C ALA A 12 -1.73 1.92 -4.62
N GLN A 13 -0.92 1.29 -5.44
CA GLN A 13 0.17 0.47 -4.93
C GLN A 13 1.27 1.36 -4.35
N SER A 14 1.62 2.40 -5.09
CA SER A 14 2.62 3.36 -4.64
C SER A 14 2.07 4.19 -3.48
N GLN A 15 0.81 4.56 -3.58
CA GLN A 15 0.14 5.36 -2.57
C GLN A 15 -0.05 4.53 -1.31
N GLY A 16 -0.47 3.29 -1.47
CA GLY A 16 -0.63 2.38 -0.35
C GLY A 16 0.67 2.17 0.40
N TYR A 17 1.77 2.10 -0.35
CA TYR A 17 3.09 2.02 0.25
C TYR A 17 3.31 3.19 1.20
N LYS A 18 3.11 4.40 0.69
CA LYS A 18 3.30 5.60 1.50
C LYS A 18 2.23 5.67 2.59
N ALA A 19 1.05 5.12 2.30
CA ALA A 19 -0.03 5.07 3.27
C ALA A 19 0.32 4.17 4.44
N GLY A 20 1.32 3.34 4.27
CA GLY A 20 1.83 2.57 5.38
C GLY A 20 2.55 3.45 6.38
N LEU A 21 3.21 4.48 5.88
CA LEU A 21 3.94 5.42 6.71
C LEU A 21 3.04 6.60 7.08
N ASN A 22 2.29 7.07 6.09
CA ASN A 22 1.48 8.26 6.22
C ASN A 22 0.04 7.95 6.60
N GLY A 23 -0.52 6.93 5.99
CA GLY A 23 -1.92 6.62 6.21
C GLY A 23 -2.12 5.93 7.54
N ARG A 24 -1.07 5.24 7.98
CA ARG A 24 -1.05 4.50 9.24
C ARG A 24 -2.00 3.29 9.23
N SER A 25 -3.26 3.53 8.92
CA SER A 25 -4.26 2.47 8.92
C SER A 25 -4.60 2.04 7.50
N GLN A 26 -5.53 1.10 7.37
CA GLN A 26 -5.93 0.55 6.06
C GLN A 26 -7.16 1.28 5.60
N GLU A 27 -7.80 1.95 6.54
CA GLU A 27 -9.00 2.72 6.31
C GLU A 27 -8.70 3.97 5.48
N ALA A 28 -7.43 4.14 5.11
CA ALA A 28 -7.01 5.24 4.26
C ALA A 28 -7.05 4.81 2.79
N CYS A 29 -7.84 3.78 2.50
CA CYS A 29 -7.99 3.28 1.14
C CYS A 29 -9.34 3.72 0.55
N PRO A 30 -9.36 4.86 -0.14
CA PRO A 30 -10.56 5.37 -0.79
C PRO A 30 -10.72 4.93 -2.25
N TYR A 31 -9.86 4.02 -2.69
CA TYR A 31 -9.84 3.61 -4.10
C TYR A 31 -10.91 2.56 -4.39
N GLN A 32 -10.68 1.35 -3.90
CA GLN A 32 -11.51 0.20 -4.23
C GLN A 32 -11.46 -0.77 -3.06
N GLN A 33 -12.15 -1.91 -3.15
CA GLN A 33 -12.03 -2.92 -2.12
C GLN A 33 -11.10 -4.05 -2.54
N VAL A 34 -11.58 -4.93 -3.40
CA VAL A 34 -10.85 -6.14 -3.75
C VAL A 34 -9.64 -5.81 -4.61
N ASP A 35 -9.86 -5.00 -5.63
CA ASP A 35 -8.79 -4.57 -6.51
C ASP A 35 -7.74 -3.81 -5.72
N ALA A 36 -8.23 -2.88 -4.92
CA ALA A 36 -7.38 -2.03 -4.11
C ALA A 36 -6.67 -2.83 -3.04
N ARG A 37 -7.32 -3.86 -2.54
CA ARG A 37 -6.68 -4.75 -1.58
C ARG A 37 -5.39 -5.30 -2.15
N SER A 38 -5.48 -5.79 -3.38
CA SER A 38 -4.37 -6.44 -4.04
C SER A 38 -3.21 -5.48 -4.20
N TYR A 39 -3.50 -4.26 -4.63
CA TYR A 39 -2.46 -3.30 -4.91
C TYR A 39 -2.17 -2.37 -3.74
N TRP A 40 -3.19 -1.68 -3.26
CA TRP A 40 -3.04 -0.71 -2.19
C TRP A 40 -2.60 -1.38 -0.89
N LEU A 41 -3.27 -2.49 -0.53
CA LEU A 41 -2.96 -3.17 0.72
C LEU A 41 -1.68 -3.97 0.53
N GLY A 42 -1.43 -4.36 -0.72
CA GLY A 42 -0.20 -5.03 -1.06
C GLY A 42 1.00 -4.15 -0.80
N GLY A 43 0.95 -2.92 -1.32
CA GLY A 43 2.02 -1.96 -1.07
C GLY A 43 2.05 -1.52 0.39
N TRP A 44 0.88 -1.51 1.02
CA TRP A 44 0.77 -1.18 2.43
C TRP A 44 1.58 -2.17 3.27
N ARG A 45 1.42 -3.46 2.99
CA ARG A 45 2.18 -4.49 3.68
C ARG A 45 3.64 -4.47 3.25
N ASP A 46 3.87 -4.18 1.98
CA ASP A 46 5.23 -4.08 1.43
C ASP A 46 6.02 -3.02 2.19
N ALA A 47 5.40 -1.87 2.37
CA ALA A 47 6.00 -0.79 3.13
C ALA A 47 6.21 -1.19 4.58
N ARG A 48 5.24 -1.89 5.15
CA ARG A 48 5.34 -2.32 6.54
C ARG A 48 6.49 -3.30 6.73
N ASP A 49 6.74 -4.15 5.73
CA ASP A 49 7.82 -5.13 5.82
C ASP A 49 9.17 -4.46 5.57
N GLU A 50 9.10 -3.30 4.94
CA GLU A 50 10.28 -2.50 4.64
C GLU A 50 10.63 -1.65 5.84
N LYS A 51 9.61 -1.33 6.62
CA LYS A 51 9.78 -0.61 7.85
C LYS A 51 10.06 -1.63 8.95
N GLN A 52 9.70 -2.86 8.63
CA GLN A 52 9.90 -3.97 9.54
C GLN A 52 11.37 -4.32 9.62
N SER A 53 11.93 -4.73 8.48
CA SER A 53 13.34 -5.09 8.40
C SER A 53 14.19 -3.83 8.25
N GLY A 54 13.53 -2.68 8.14
CA GLY A 54 14.23 -1.42 7.99
C GLY A 54 14.79 -0.91 9.30
N LEU A 55 14.20 -1.33 10.40
CA LEU A 55 14.64 -0.90 11.71
C LEU A 55 15.82 -1.75 12.18
N TYR A 56 15.51 -2.95 12.65
CA TYR A 56 16.51 -3.89 13.13
C TYR A 56 15.85 -5.23 13.42
N LYS A 57 14.99 -5.64 12.50
CA LYS A 57 14.30 -6.92 12.62
C LYS A 57 15.15 -8.03 12.03
N LEU A 58 16.22 -7.62 11.33
CA LEU A 58 17.17 -8.53 10.70
C LEU A 58 16.54 -9.18 9.47
N GLU A 59 15.80 -10.26 9.69
CA GLU A 59 15.18 -11.01 8.62
C GLU A 59 13.87 -11.63 9.10
N HIS A 60 13.26 -12.46 8.26
CA HIS A 60 12.07 -13.20 8.64
C HIS A 60 12.46 -14.50 9.35
N MET A 1 -6.68 5.58 -22.19
CA MET A 1 -6.42 4.14 -21.98
C MET A 1 -7.70 3.44 -21.56
N LYS A 2 -8.20 2.55 -22.42
CA LYS A 2 -9.39 1.77 -22.10
C LYS A 2 -9.05 0.70 -21.07
N ARG A 3 -10.03 0.39 -20.21
CA ARG A 3 -9.81 -0.44 -19.04
C ARG A 3 -8.76 0.20 -18.13
N GLN A 4 -9.10 1.41 -17.67
CA GLN A 4 -8.19 2.23 -16.87
C GLN A 4 -8.17 1.79 -15.41
N LYS A 5 -8.45 0.52 -15.18
CA LYS A 5 -8.41 -0.05 -13.85
C LYS A 5 -7.01 0.06 -13.29
N ARG A 6 -6.03 -0.21 -14.15
CA ARG A 6 -4.63 -0.22 -13.75
C ARG A 6 -4.19 1.18 -13.32
N ASP A 7 -4.86 2.20 -13.86
CA ASP A 7 -4.58 3.58 -13.50
C ASP A 7 -4.69 3.78 -11.99
N ARG A 8 -5.87 3.52 -11.48
CA ARG A 8 -6.17 3.76 -10.09
C ARG A 8 -5.57 2.68 -9.21
N LEU A 9 -5.28 1.54 -9.79
CA LEU A 9 -4.70 0.41 -9.06
C LEU A 9 -3.20 0.56 -8.90
N GLU A 10 -2.51 0.90 -9.98
CA GLU A 10 -1.06 1.10 -9.93
C GLU A 10 -0.76 2.31 -9.06
N ARG A 11 -1.68 3.26 -9.08
CA ARG A 11 -1.57 4.47 -8.28
C ARG A 11 -1.93 4.17 -6.84
N ALA A 12 -2.89 3.26 -6.65
CA ALA A 12 -3.22 2.77 -5.31
C ALA A 12 -2.05 2.01 -4.72
N GLN A 13 -1.25 1.41 -5.58
CA GLN A 13 -0.09 0.66 -5.14
C GLN A 13 0.94 1.63 -4.57
N SER A 14 1.16 2.72 -5.28
CA SER A 14 2.03 3.79 -4.80
C SER A 14 1.42 4.45 -3.57
N GLN A 15 0.12 4.75 -3.64
CA GLN A 15 -0.60 5.37 -2.54
C GLN A 15 -0.53 4.49 -1.30
N GLY A 16 -0.71 3.19 -1.48
CA GLY A 16 -0.65 2.25 -0.37
C GLY A 16 0.72 2.23 0.27
N TYR A 17 1.77 2.25 -0.55
CA TYR A 17 3.14 2.28 -0.04
C TYR A 17 3.32 3.52 0.83
N LYS A 18 2.93 4.67 0.30
CA LYS A 18 2.98 5.92 1.05
C LYS A 18 2.07 5.86 2.27
N ALA A 19 0.95 5.18 2.13
CA ALA A 19 -0.02 5.03 3.21
C ALA A 19 0.57 4.20 4.35
N GLY A 20 1.60 3.43 4.05
CA GLY A 20 2.30 2.71 5.08
C GLY A 20 3.04 3.65 6.01
N LEU A 21 3.67 4.65 5.42
CA LEU A 21 4.44 5.63 6.17
C LEU A 21 3.52 6.73 6.69
N ASN A 22 2.70 7.26 5.80
CA ASN A 22 1.86 8.43 6.10
C ASN A 22 0.43 8.05 6.44
N GLY A 23 -0.12 7.07 5.72
CA GLY A 23 -1.54 6.76 5.86
C GLY A 23 -1.85 6.11 7.19
N ARG A 24 -0.83 5.46 7.75
CA ARG A 24 -0.92 4.77 9.04
C ARG A 24 -1.81 3.53 8.98
N SER A 25 -3.10 3.72 8.74
CA SER A 25 -4.07 2.62 8.78
C SER A 25 -4.49 2.19 7.37
N GLN A 26 -5.22 1.08 7.29
CA GLN A 26 -5.69 0.52 6.02
C GLN A 26 -7.06 1.09 5.68
N GLU A 27 -7.67 1.74 6.67
CA GLU A 27 -8.95 2.41 6.49
C GLU A 27 -8.81 3.61 5.55
N ALA A 28 -7.56 3.93 5.23
CA ALA A 28 -7.25 5.06 4.36
C ALA A 28 -7.23 4.64 2.89
N CYS A 29 -7.92 3.56 2.57
CA CYS A 29 -7.99 3.06 1.20
C CYS A 29 -9.30 3.49 0.54
N PRO A 30 -9.29 4.61 -0.20
CA PRO A 30 -10.48 5.16 -0.86
C PRO A 30 -10.62 4.72 -2.32
N TYR A 31 -10.21 3.49 -2.64
CA TYR A 31 -10.23 3.03 -4.02
C TYR A 31 -11.27 1.95 -4.26
N GLN A 32 -10.93 0.71 -3.93
CA GLN A 32 -11.79 -0.43 -4.25
C GLN A 32 -11.59 -1.51 -3.19
N GLN A 33 -12.16 -2.69 -3.37
CA GLN A 33 -12.02 -3.74 -2.39
C GLN A 33 -10.96 -4.77 -2.79
N VAL A 34 -11.33 -5.65 -3.71
CA VAL A 34 -10.48 -6.77 -4.09
C VAL A 34 -9.22 -6.30 -4.79
N ASP A 35 -9.44 -5.53 -5.84
CA ASP A 35 -8.35 -5.03 -6.69
C ASP A 35 -7.42 -4.18 -5.84
N ALA A 36 -8.04 -3.28 -5.10
CA ALA A 36 -7.33 -2.35 -4.24
C ALA A 36 -6.60 -3.09 -3.12
N ARG A 37 -7.14 -4.21 -2.69
CA ARG A 37 -6.51 -5.01 -1.65
C ARG A 37 -5.12 -5.45 -2.10
N SER A 38 -5.06 -6.08 -3.27
CA SER A 38 -3.82 -6.64 -3.77
C SER A 38 -2.82 -5.55 -4.17
N TYR A 39 -3.34 -4.37 -4.52
CA TYR A 39 -2.47 -3.28 -4.93
C TYR A 39 -2.15 -2.32 -3.79
N TRP A 40 -3.19 -1.75 -3.20
CA TRP A 40 -3.03 -0.75 -2.15
C TRP A 40 -2.53 -1.40 -0.85
N LEU A 41 -3.21 -2.46 -0.41
CA LEU A 41 -2.86 -3.08 0.88
C LEU A 41 -1.54 -3.82 0.75
N GLY A 42 -1.31 -4.39 -0.43
CA GLY A 42 -0.05 -5.04 -0.70
C GLY A 42 1.13 -4.10 -0.54
N GLY A 43 1.05 -2.94 -1.19
CA GLY A 43 2.09 -1.95 -1.06
C GLY A 43 2.13 -1.35 0.33
N TRP A 44 0.97 -1.23 0.94
CA TRP A 44 0.84 -0.72 2.30
C TRP A 44 1.66 -1.55 3.27
N ARG A 45 1.40 -2.85 3.29
CA ARG A 45 2.09 -3.74 4.22
C ARG A 45 3.53 -3.94 3.78
N ASP A 46 3.75 -3.88 2.48
CA ASP A 46 5.08 -4.01 1.90
C ASP A 46 6.04 -2.98 2.50
N ALA A 47 5.66 -1.71 2.38
CA ALA A 47 6.47 -0.62 2.91
C ALA A 47 6.68 -0.78 4.41
N ARG A 48 5.59 -1.01 5.13
CA ARG A 48 5.65 -1.14 6.58
C ARG A 48 6.57 -2.27 7.00
N ASP A 49 6.27 -3.48 6.57
CA ASP A 49 6.97 -4.68 7.03
C ASP A 49 8.45 -4.66 6.64
N GLU A 50 8.76 -3.95 5.57
CA GLU A 50 10.09 -3.96 5.00
C GLU A 50 11.00 -2.99 5.76
N LYS A 51 10.39 -1.94 6.29
CA LYS A 51 11.13 -0.99 7.09
C LYS A 51 10.90 -1.29 8.55
N GLN A 52 10.03 -2.26 8.77
CA GLN A 52 9.73 -2.75 10.10
C GLN A 52 10.76 -3.80 10.51
N SER A 53 11.13 -4.66 9.58
CA SER A 53 12.11 -5.69 9.85
C SER A 53 13.49 -5.30 9.32
N GLY A 54 13.59 -4.07 8.82
CA GLY A 54 14.85 -3.57 8.28
C GLY A 54 16.00 -3.71 9.26
N LEU A 55 15.71 -3.42 10.52
CA LEU A 55 16.67 -3.67 11.59
C LEU A 55 16.05 -4.65 12.57
N TYR A 56 14.90 -4.27 13.13
CA TYR A 56 14.06 -5.15 13.96
C TYR A 56 14.75 -5.55 15.28
N LYS A 57 16.01 -5.15 15.43
CA LYS A 57 16.86 -5.62 16.53
C LYS A 57 17.14 -7.11 16.32
N LEU A 58 17.06 -7.51 15.06
CA LEU A 58 17.20 -8.91 14.67
C LEU A 58 18.64 -9.37 14.86
N GLU A 59 19.55 -8.72 14.16
CA GLU A 59 20.95 -9.13 14.14
C GLU A 59 21.63 -8.84 15.48
N HIS A 60 22.65 -9.64 15.78
CA HIS A 60 23.32 -9.54 17.06
C HIS A 60 24.70 -8.90 16.92
N MET A 1 -10.21 -5.21 -21.33
CA MET A 1 -9.82 -4.98 -19.93
C MET A 1 -9.49 -3.51 -19.68
N LYS A 2 -9.49 -2.71 -20.74
CA LYS A 2 -9.10 -1.32 -20.63
C LYS A 2 -10.25 -0.48 -20.10
N ARG A 3 -10.36 -0.43 -18.78
CA ARG A 3 -11.42 0.33 -18.13
C ARG A 3 -10.81 1.45 -17.29
N GLN A 4 -9.49 1.62 -17.43
CA GLN A 4 -8.74 2.67 -16.72
C GLN A 4 -8.76 2.45 -15.20
N LYS A 5 -9.20 1.28 -14.78
CA LYS A 5 -9.25 0.95 -13.36
C LYS A 5 -7.87 0.50 -12.88
N ARG A 6 -7.14 -0.19 -13.75
CA ARG A 6 -5.80 -0.66 -13.43
C ARG A 6 -4.84 0.51 -13.21
N ASP A 7 -5.03 1.58 -13.98
CA ASP A 7 -4.22 2.79 -13.85
C ASP A 7 -4.24 3.29 -12.41
N ARG A 8 -5.44 3.50 -11.89
CA ARG A 8 -5.61 4.04 -10.55
C ARG A 8 -5.19 3.01 -9.50
N LEU A 9 -5.23 1.73 -9.89
CA LEU A 9 -4.89 0.65 -8.97
C LEU A 9 -3.38 0.50 -8.81
N GLU A 10 -2.64 0.51 -9.91
CA GLU A 10 -1.19 0.38 -9.82
C GLU A 10 -0.59 1.64 -9.21
N ARG A 11 -1.33 2.73 -9.33
CA ARG A 11 -0.94 3.99 -8.70
C ARG A 11 -1.35 3.96 -7.24
N ALA A 12 -2.43 3.24 -6.95
CA ALA A 12 -2.85 2.98 -5.59
C ALA A 12 -1.81 2.15 -4.87
N GLN A 13 -1.05 1.38 -5.63
CA GLN A 13 0.02 0.57 -5.07
C GLN A 13 1.10 1.49 -4.50
N SER A 14 1.37 2.59 -5.20
CA SER A 14 2.30 3.59 -4.72
C SER A 14 1.66 4.41 -3.61
N GLN A 15 0.36 4.69 -3.76
CA GLN A 15 -0.41 5.40 -2.74
C GLN A 15 -0.37 4.62 -1.42
N GLY A 16 -0.56 3.31 -1.51
CA GLY A 16 -0.51 2.45 -0.35
C GLY A 16 0.87 2.41 0.27
N TYR A 17 1.89 2.47 -0.56
CA TYR A 17 3.27 2.49 -0.09
C TYR A 17 3.48 3.72 0.80
N LYS A 18 2.97 4.85 0.35
CA LYS A 18 3.03 6.09 1.12
C LYS A 18 2.05 6.04 2.29
N ALA A 19 0.98 5.29 2.11
CA ALA A 19 -0.07 5.19 3.11
C ALA A 19 0.37 4.30 4.26
N GLY A 20 1.38 3.51 4.02
CA GLY A 20 1.96 2.71 5.07
C GLY A 20 2.74 3.57 6.04
N LEU A 21 3.19 4.72 5.55
CA LEU A 21 3.96 5.66 6.36
C LEU A 21 3.06 6.78 6.85
N ASN A 22 2.33 7.36 5.91
CA ASN A 22 1.52 8.55 6.16
C ASN A 22 0.06 8.19 6.37
N GLY A 23 -0.39 7.16 5.67
CA GLY A 23 -1.80 6.80 5.73
C GLY A 23 -2.14 6.11 7.03
N ARG A 24 -1.08 5.79 7.78
CA ARG A 24 -1.19 5.15 9.09
C ARG A 24 -1.77 3.73 9.02
N SER A 25 -3.04 3.63 8.69
CA SER A 25 -3.77 2.37 8.75
C SER A 25 -4.14 1.87 7.34
N GLN A 26 -4.92 0.80 7.28
CA GLN A 26 -5.35 0.22 6.00
C GLN A 26 -6.73 0.74 5.69
N GLU A 27 -7.35 1.25 6.73
CA GLU A 27 -8.66 1.86 6.69
C GLU A 27 -8.65 3.11 5.82
N ALA A 28 -7.45 3.59 5.51
CA ALA A 28 -7.29 4.78 4.69
C ALA A 28 -7.31 4.45 3.20
N CYS A 29 -7.73 3.23 2.86
CA CYS A 29 -7.83 2.82 1.47
C CYS A 29 -9.14 3.30 0.86
N PRO A 30 -9.08 4.36 0.04
CA PRO A 30 -10.28 4.98 -0.55
C PRO A 30 -10.85 4.21 -1.74
N TYR A 31 -10.01 3.44 -2.41
CA TYR A 31 -10.41 2.78 -3.66
C TYR A 31 -10.85 1.35 -3.41
N GLN A 32 -11.98 0.96 -4.03
CA GLN A 32 -12.38 -0.44 -4.30
C GLN A 32 -12.22 -1.41 -3.09
N GLN A 33 -12.62 -2.67 -3.28
CA GLN A 33 -12.43 -3.67 -2.26
C GLN A 33 -11.28 -4.62 -2.57
N VAL A 34 -11.53 -5.58 -3.45
CA VAL A 34 -10.63 -6.70 -3.63
C VAL A 34 -9.39 -6.29 -4.40
N ASP A 35 -9.60 -5.65 -5.54
CA ASP A 35 -8.50 -5.30 -6.43
C ASP A 35 -7.64 -4.24 -5.75
N ALA A 36 -8.30 -3.38 -5.01
CA ALA A 36 -7.65 -2.33 -4.27
C ALA A 36 -6.65 -2.89 -3.29
N ARG A 37 -7.10 -3.80 -2.45
CA ARG A 37 -6.24 -4.38 -1.43
C ARG A 37 -5.05 -5.10 -2.04
N SER A 38 -5.24 -5.67 -3.22
CA SER A 38 -4.17 -6.38 -3.92
C SER A 38 -3.09 -5.40 -4.36
N TYR A 39 -3.50 -4.18 -4.69
CA TYR A 39 -2.56 -3.16 -5.12
C TYR A 39 -2.16 -2.25 -3.97
N TRP A 40 -3.13 -1.55 -3.43
CA TRP A 40 -2.90 -0.55 -2.38
C TRP A 40 -2.29 -1.18 -1.13
N LEU A 41 -2.85 -2.31 -0.70
CA LEU A 41 -2.40 -2.94 0.54
C LEU A 41 -1.13 -3.73 0.27
N GLY A 42 -0.89 -4.05 -0.99
CA GLY A 42 0.34 -4.72 -1.38
C GLY A 42 1.55 -3.84 -1.12
N GLY A 43 1.46 -2.60 -1.57
CA GLY A 43 2.52 -1.65 -1.30
C GLY A 43 2.56 -1.23 0.15
N TRP A 44 1.37 -1.16 0.76
CA TRP A 44 1.25 -0.83 2.18
C TRP A 44 2.04 -1.80 3.03
N ARG A 45 1.79 -3.09 2.82
CA ARG A 45 2.46 -4.14 3.57
C ARG A 45 3.96 -4.14 3.32
N ASP A 46 4.35 -3.89 2.08
CA ASP A 46 5.77 -3.90 1.71
C ASP A 46 6.52 -2.81 2.46
N ALA A 47 6.07 -1.57 2.29
CA ALA A 47 6.71 -0.43 2.95
C ALA A 47 6.74 -0.63 4.45
N ARG A 48 5.64 -1.11 4.99
CA ARG A 48 5.51 -1.31 6.43
C ARG A 48 6.49 -2.38 6.91
N ASP A 49 6.35 -3.58 6.38
CA ASP A 49 7.08 -4.76 6.88
C ASP A 49 8.59 -4.63 6.68
N GLU A 50 8.99 -3.77 5.76
CA GLU A 50 10.40 -3.65 5.37
C GLU A 50 11.07 -2.60 6.24
N LYS A 51 10.33 -1.55 6.57
CA LYS A 51 10.88 -0.48 7.38
C LYS A 51 10.63 -0.80 8.83
N GLN A 52 9.85 -1.85 9.03
CA GLN A 52 9.53 -2.33 10.37
C GLN A 52 10.47 -3.47 10.76
N SER A 53 10.38 -4.56 10.03
CA SER A 53 11.14 -5.76 10.36
C SER A 53 12.50 -5.78 9.69
N GLY A 54 12.85 -4.68 9.02
CA GLY A 54 14.16 -4.56 8.40
C GLY A 54 15.27 -4.61 9.43
N LEU A 55 14.96 -4.24 10.66
CA LEU A 55 15.92 -4.29 11.74
C LEU A 55 15.52 -5.33 12.77
N TYR A 56 14.67 -6.26 12.37
CA TYR A 56 14.26 -7.35 13.25
C TYR A 56 15.38 -8.37 13.37
N LYS A 57 16.55 -7.89 13.76
CA LYS A 57 17.73 -8.73 13.93
C LYS A 57 18.84 -7.94 14.63
N LEU A 58 18.95 -6.66 14.28
CA LEU A 58 19.96 -5.78 14.84
C LEU A 58 19.55 -4.33 14.58
N GLU A 59 20.27 -3.41 15.19
CA GLU A 59 19.95 -1.99 15.06
C GLU A 59 20.07 -1.51 13.62
N HIS A 60 21.04 -2.05 12.91
CA HIS A 60 21.30 -1.60 11.54
C HIS A 60 20.73 -2.57 10.52
N MET A 1 -7.36 12.93 -21.77
CA MET A 1 -7.10 11.60 -21.17
C MET A 1 -7.70 11.51 -19.77
N LYS A 2 -8.71 10.67 -19.64
CA LYS A 2 -9.35 10.40 -18.35
C LYS A 2 -9.79 8.95 -18.27
N ARG A 3 -10.00 8.46 -17.05
CA ARG A 3 -10.47 7.10 -16.81
C ARG A 3 -9.41 6.06 -17.13
N GLN A 4 -8.61 5.73 -16.14
CA GLN A 4 -7.68 4.61 -16.22
C GLN A 4 -7.86 3.74 -14.99
N LYS A 5 -8.52 2.60 -15.14
CA LYS A 5 -8.87 1.78 -14.00
C LYS A 5 -7.65 1.04 -13.45
N ARG A 6 -6.72 0.71 -14.32
CA ARG A 6 -5.53 -0.03 -13.92
C ARG A 6 -4.49 0.92 -13.37
N ASP A 7 -4.40 2.11 -13.95
CA ASP A 7 -3.54 3.17 -13.43
C ASP A 7 -3.96 3.50 -12.01
N ARG A 8 -5.27 3.66 -11.85
CA ARG A 8 -5.89 3.93 -10.57
C ARG A 8 -5.43 2.92 -9.51
N LEU A 9 -5.36 1.66 -9.90
CA LEU A 9 -4.97 0.59 -9.00
C LEU A 9 -3.45 0.50 -8.84
N GLU A 10 -2.74 0.66 -9.94
CA GLU A 10 -1.28 0.56 -9.91
C GLU A 10 -0.69 1.76 -9.16
N ARG A 11 -1.42 2.86 -9.15
CA ARG A 11 -0.99 4.03 -8.39
C ARG A 11 -1.41 3.87 -6.94
N ALA A 12 -2.50 3.12 -6.72
CA ALA A 12 -2.90 2.73 -5.39
C ALA A 12 -1.83 1.84 -4.76
N GLN A 13 -1.08 1.14 -5.61
CA GLN A 13 0.01 0.31 -5.14
C GLN A 13 1.16 1.20 -4.62
N SER A 14 1.43 2.27 -5.34
CA SER A 14 2.42 3.24 -4.92
C SER A 14 1.91 4.04 -3.72
N GLN A 15 0.63 4.38 -3.76
CA GLN A 15 -0.01 5.13 -2.69
C GLN A 15 -0.03 4.29 -1.42
N GLY A 16 -0.46 3.04 -1.55
CA GLY A 16 -0.52 2.13 -0.41
C GLY A 16 0.84 1.96 0.23
N TYR A 17 1.89 2.03 -0.58
CA TYR A 17 3.25 1.96 -0.06
C TYR A 17 3.50 3.11 0.91
N LYS A 18 3.23 4.33 0.45
CA LYS A 18 3.39 5.51 1.29
C LYS A 18 2.33 5.53 2.40
N ALA A 19 1.25 4.81 2.17
CA ALA A 19 0.13 4.78 3.11
C ALA A 19 0.42 3.82 4.26
N GLY A 20 1.36 2.93 4.04
CA GLY A 20 1.82 2.08 5.13
C GLY A 20 2.67 2.86 6.09
N LEU A 21 3.27 3.92 5.58
CA LEU A 21 4.12 4.78 6.37
C LEU A 21 3.31 5.93 6.94
N ASN A 22 2.64 6.63 6.04
CA ASN A 22 1.91 7.85 6.36
C ASN A 22 0.43 7.62 6.51
N GLY A 23 -0.12 6.67 5.78
CA GLY A 23 -1.54 6.44 5.82
C GLY A 23 -1.95 5.81 7.13
N ARG A 24 -0.93 5.38 7.86
CA ARG A 24 -1.09 4.72 9.17
C ARG A 24 -1.87 3.41 9.05
N SER A 25 -3.17 3.51 8.82
CA SER A 25 -4.07 2.36 8.83
C SER A 25 -4.49 1.96 7.42
N GLN A 26 -5.24 0.86 7.34
CA GLN A 26 -5.76 0.37 6.07
C GLN A 26 -7.03 1.15 5.73
N GLU A 27 -7.52 1.87 6.72
CA GLU A 27 -8.71 2.70 6.59
C GLU A 27 -8.48 3.80 5.56
N ALA A 28 -7.22 4.04 5.24
CA ALA A 28 -6.85 5.11 4.31
C ALA A 28 -6.90 4.63 2.85
N CYS A 29 -7.73 3.62 2.59
CA CYS A 29 -7.91 3.11 1.24
C CYS A 29 -9.28 3.51 0.69
N PRO A 30 -9.39 4.70 0.09
CA PRO A 30 -10.65 5.23 -0.43
C PRO A 30 -10.87 4.96 -1.91
N TYR A 31 -10.35 3.84 -2.41
CA TYR A 31 -10.41 3.58 -3.84
C TYR A 31 -11.43 2.48 -4.19
N GLN A 32 -11.10 1.25 -3.84
CA GLN A 32 -11.89 0.10 -4.25
C GLN A 32 -11.76 -0.97 -3.17
N GLN A 33 -12.46 -2.09 -3.32
CA GLN A 33 -12.37 -3.14 -2.33
C GLN A 33 -11.46 -4.28 -2.75
N VAL A 34 -11.94 -5.13 -3.64
CA VAL A 34 -11.21 -6.34 -4.02
C VAL A 34 -9.92 -6.01 -4.74
N ASP A 35 -10.05 -5.25 -5.80
CA ASP A 35 -8.91 -4.94 -6.66
C ASP A 35 -7.94 -4.04 -5.91
N ALA A 36 -8.49 -3.15 -5.10
CA ALA A 36 -7.68 -2.25 -4.31
C ALA A 36 -6.94 -3.01 -3.23
N ARG A 37 -7.58 -4.01 -2.64
CA ARG A 37 -6.96 -4.81 -1.60
C ARG A 37 -5.68 -5.45 -2.13
N SER A 38 -5.73 -5.94 -3.37
CA SER A 38 -4.60 -6.60 -3.98
C SER A 38 -3.46 -5.60 -4.24
N TYR A 39 -3.82 -4.45 -4.78
CA TYR A 39 -2.83 -3.45 -5.14
C TYR A 39 -2.37 -2.62 -3.95
N TRP A 40 -3.32 -2.02 -3.27
CA TRP A 40 -3.06 -1.07 -2.20
C TRP A 40 -2.47 -1.75 -0.97
N LEU A 41 -3.08 -2.87 -0.55
CA LEU A 41 -2.66 -3.53 0.69
C LEU A 41 -1.34 -4.27 0.48
N GLY A 42 -1.06 -4.64 -0.77
CA GLY A 42 0.18 -5.30 -1.08
C GLY A 42 1.37 -4.41 -0.78
N GLY A 43 1.34 -3.19 -1.31
CA GLY A 43 2.40 -2.23 -1.04
C GLY A 43 2.37 -1.74 0.39
N TRP A 44 1.17 -1.72 0.96
CA TRP A 44 0.97 -1.30 2.34
C TRP A 44 1.76 -2.20 3.29
N ARG A 45 1.61 -3.51 3.11
CA ARG A 45 2.32 -4.47 3.96
C ARG A 45 3.83 -4.39 3.70
N ASP A 46 4.20 -4.33 2.42
CA ASP A 46 5.60 -4.30 2.03
C ASP A 46 6.32 -3.13 2.68
N ALA A 47 5.81 -1.93 2.45
CA ALA A 47 6.42 -0.73 2.97
C ALA A 47 6.52 -0.78 4.50
N ARG A 48 5.44 -1.21 5.14
CA ARG A 48 5.42 -1.33 6.59
C ARG A 48 6.49 -2.31 7.08
N ASP A 49 6.53 -3.48 6.45
CA ASP A 49 7.43 -4.56 6.87
C ASP A 49 8.90 -4.19 6.64
N GLU A 50 9.13 -3.22 5.76
CA GLU A 50 10.48 -2.82 5.40
C GLU A 50 10.91 -1.64 6.23
N LYS A 51 9.93 -0.92 6.73
CA LYS A 51 10.18 0.17 7.65
C LYS A 51 10.34 -0.42 9.03
N GLN A 52 9.78 -1.61 9.16
CA GLN A 52 9.73 -2.30 10.43
C GLN A 52 10.97 -3.18 10.63
N SER A 53 11.39 -3.86 9.57
CA SER A 53 12.53 -4.76 9.66
C SER A 53 13.80 -4.07 9.14
N GLY A 54 13.66 -2.82 8.70
CA GLY A 54 14.75 -2.11 8.05
C GLY A 54 15.91 -1.82 8.98
N LEU A 55 15.68 -1.89 10.28
CA LEU A 55 16.73 -1.65 11.25
C LEU A 55 17.78 -2.75 11.17
N TYR A 56 17.30 -3.99 11.07
CA TYR A 56 18.13 -5.20 11.04
C TYR A 56 19.25 -5.15 12.08
N LYS A 57 18.89 -5.38 13.33
CA LYS A 57 19.87 -5.48 14.40
C LYS A 57 19.77 -6.85 15.07
N LEU A 58 19.25 -7.81 14.33
CA LEU A 58 19.14 -9.19 14.82
C LEU A 58 20.54 -9.77 15.01
N GLU A 59 21.21 -10.01 13.89
CA GLU A 59 22.59 -10.51 13.86
C GLU A 59 22.81 -11.73 14.75
N HIS A 60 22.70 -12.89 14.14
CA HIS A 60 23.00 -14.16 14.78
C HIS A 60 23.71 -15.05 13.78
N MET A 1 -12.35 3.96 -22.24
CA MET A 1 -11.72 3.11 -21.21
C MET A 1 -10.65 2.24 -21.85
N LYS A 2 -9.71 1.75 -21.04
CA LYS A 2 -8.66 0.86 -21.54
C LYS A 2 -7.85 0.28 -20.38
N ARG A 3 -6.91 1.06 -19.85
CA ARG A 3 -6.08 0.61 -18.73
C ARG A 3 -6.28 1.46 -17.49
N GLN A 4 -7.30 2.33 -17.50
CA GLN A 4 -7.56 3.18 -16.34
C GLN A 4 -7.92 2.34 -15.13
N LYS A 5 -8.53 1.18 -15.40
CA LYS A 5 -8.84 0.22 -14.35
C LYS A 5 -7.57 -0.34 -13.73
N ARG A 6 -6.48 -0.23 -14.47
CA ARG A 6 -5.16 -0.62 -13.97
C ARG A 6 -4.46 0.57 -13.34
N ASP A 7 -4.57 1.73 -13.99
CA ASP A 7 -3.94 2.96 -13.52
C ASP A 7 -4.35 3.30 -12.11
N ARG A 8 -5.64 3.14 -11.83
CA ARG A 8 -6.17 3.39 -10.48
C ARG A 8 -5.47 2.51 -9.45
N LEU A 9 -4.98 1.35 -9.91
CA LEU A 9 -4.34 0.38 -9.04
C LEU A 9 -2.83 0.56 -9.02
N GLU A 10 -2.29 1.11 -10.09
CA GLU A 10 -0.88 1.46 -10.16
C GLU A 10 -0.60 2.58 -9.16
N ARG A 11 -1.59 3.46 -9.02
CA ARG A 11 -1.49 4.56 -8.08
C ARG A 11 -1.87 4.08 -6.69
N ALA A 12 -2.81 3.13 -6.62
CA ALA A 12 -3.17 2.49 -5.36
C ALA A 12 -1.98 1.72 -4.81
N GLN A 13 -1.18 1.17 -5.71
CA GLN A 13 0.02 0.44 -5.32
C GLN A 13 1.01 1.38 -4.65
N SER A 14 1.22 2.53 -5.28
CA SER A 14 2.13 3.55 -4.77
C SER A 14 1.53 4.21 -3.52
N GLN A 15 0.23 4.50 -3.57
CA GLN A 15 -0.47 5.12 -2.47
C GLN A 15 -0.46 4.21 -1.25
N GLY A 16 -0.67 2.92 -1.48
CA GLY A 16 -0.66 1.96 -0.40
C GLY A 16 0.66 1.91 0.31
N TYR A 17 1.74 1.99 -0.45
CA TYR A 17 3.07 2.02 0.13
C TYR A 17 3.23 3.24 1.03
N LYS A 18 2.89 4.41 0.50
CA LYS A 18 2.98 5.64 1.28
C LYS A 18 2.01 5.59 2.45
N ALA A 19 0.86 4.97 2.25
CA ALA A 19 -0.13 4.82 3.32
C ALA A 19 0.39 3.88 4.41
N GLY A 20 1.33 3.03 4.06
CA GLY A 20 1.96 2.18 5.03
C GLY A 20 2.73 3.00 6.05
N LEU A 21 3.42 4.02 5.57
CA LEU A 21 4.17 4.90 6.44
C LEU A 21 3.29 6.03 6.96
N ASN A 22 2.68 6.75 6.03
CA ASN A 22 1.96 7.97 6.32
C ASN A 22 0.49 7.73 6.58
N GLY A 23 -0.08 6.75 5.89
CA GLY A 23 -1.53 6.56 5.95
C GLY A 23 -1.97 5.87 7.22
N ARG A 24 -1.01 5.26 7.89
CA ARG A 24 -1.23 4.54 9.15
C ARG A 24 -2.11 3.30 8.96
N SER A 25 -3.40 3.52 8.76
CA SER A 25 -4.37 2.43 8.72
C SER A 25 -4.72 2.05 7.28
N GLN A 26 -5.43 0.93 7.16
CA GLN A 26 -5.93 0.46 5.87
C GLN A 26 -7.20 1.23 5.51
N GLU A 27 -7.67 2.02 6.48
CA GLU A 27 -8.82 2.89 6.28
C GLU A 27 -8.52 3.93 5.21
N ALA A 28 -7.23 4.12 4.94
CA ALA A 28 -6.77 5.12 4.00
C ALA A 28 -6.83 4.62 2.56
N CYS A 29 -7.74 3.67 2.30
CA CYS A 29 -7.92 3.14 0.95
C CYS A 29 -9.28 3.54 0.38
N PRO A 30 -9.38 4.76 -0.16
CA PRO A 30 -10.63 5.30 -0.73
C PRO A 30 -10.78 5.05 -2.23
N TYR A 31 -10.34 3.90 -2.71
CA TYR A 31 -10.31 3.64 -4.14
C TYR A 31 -11.29 2.56 -4.56
N GLN A 32 -11.12 1.37 -4.01
CA GLN A 32 -11.92 0.21 -4.39
C GLN A 32 -11.82 -0.81 -3.27
N GLN A 33 -12.50 -1.93 -3.37
CA GLN A 33 -12.42 -2.95 -2.35
C GLN A 33 -11.44 -4.06 -2.73
N VAL A 34 -11.88 -4.94 -3.60
CA VAL A 34 -11.10 -6.14 -3.92
C VAL A 34 -9.89 -5.78 -4.78
N ASP A 35 -10.15 -5.00 -5.82
CA ASP A 35 -9.10 -4.56 -6.74
C ASP A 35 -8.05 -3.80 -5.94
N ALA A 36 -8.54 -2.80 -5.24
CA ALA A 36 -7.71 -1.92 -4.47
C ALA A 36 -6.86 -2.67 -3.48
N ARG A 37 -7.49 -3.46 -2.62
CA ARG A 37 -6.78 -4.14 -1.55
C ARG A 37 -5.71 -5.10 -2.10
N SER A 38 -5.90 -5.58 -3.32
CA SER A 38 -4.93 -6.48 -3.92
C SER A 38 -3.65 -5.72 -4.29
N TYR A 39 -3.80 -4.47 -4.71
CA TYR A 39 -2.64 -3.63 -5.00
C TYR A 39 -2.24 -2.78 -3.81
N TRP A 40 -3.21 -2.03 -3.29
CA TRP A 40 -3.00 -1.06 -2.23
C TRP A 40 -2.44 -1.71 -0.96
N LEU A 41 -3.04 -2.83 -0.54
CA LEU A 41 -2.61 -3.49 0.69
C LEU A 41 -1.27 -4.16 0.49
N GLY A 42 -0.86 -4.34 -0.75
CA GLY A 42 0.44 -4.89 -1.05
C GLY A 42 1.53 -3.94 -0.62
N GLY A 43 1.42 -2.69 -1.09
CA GLY A 43 2.37 -1.67 -0.71
C GLY A 43 2.30 -1.35 0.77
N TRP A 44 1.09 -1.38 1.33
CA TRP A 44 0.90 -1.10 2.75
C TRP A 44 1.71 -2.07 3.60
N ARG A 45 1.60 -3.35 3.30
CA ARG A 45 2.36 -4.38 4.00
C ARG A 45 3.86 -4.23 3.70
N ASP A 46 4.17 -3.87 2.48
CA ASP A 46 5.56 -3.75 2.03
C ASP A 46 6.28 -2.65 2.83
N ALA A 47 5.63 -1.50 2.93
CA ALA A 47 6.16 -0.37 3.68
C ALA A 47 6.41 -0.75 5.13
N ARG A 48 5.41 -1.36 5.76
CA ARG A 48 5.52 -1.80 7.13
C ARG A 48 6.71 -2.74 7.31
N ASP A 49 6.78 -3.76 6.46
CA ASP A 49 7.81 -4.79 6.59
C ASP A 49 9.19 -4.25 6.20
N GLU A 50 9.24 -3.09 5.56
CA GLU A 50 10.51 -2.54 5.11
C GLU A 50 11.16 -1.78 6.24
N LYS A 51 10.32 -1.14 7.04
CA LYS A 51 10.81 -0.38 8.17
C LYS A 51 10.96 -1.35 9.33
N GLN A 52 10.27 -2.47 9.18
CA GLN A 52 10.35 -3.55 10.13
C GLN A 52 11.64 -4.34 9.94
N SER A 53 11.94 -4.70 8.70
CA SER A 53 13.17 -5.41 8.37
C SER A 53 14.38 -4.48 8.50
N GLY A 54 14.11 -3.17 8.48
CA GLY A 54 15.17 -2.21 8.67
C GLY A 54 15.39 -1.88 10.14
N LEU A 55 14.64 -2.56 11.00
CA LEU A 55 14.77 -2.47 12.45
C LEU A 55 14.22 -1.15 12.97
N TYR A 56 14.80 -0.06 12.49
CA TYR A 56 14.42 1.28 12.89
C TYR A 56 14.57 2.22 11.71
N LYS A 57 15.75 2.19 11.11
CA LYS A 57 16.05 3.01 9.95
C LYS A 57 17.40 2.59 9.38
N LEU A 58 17.40 1.55 8.57
CA LEU A 58 18.59 1.19 7.81
C LEU A 58 18.64 1.99 6.53
N GLU A 59 19.78 1.99 5.88
CA GLU A 59 19.97 2.82 4.70
C GLU A 59 20.55 2.00 3.55
N HIS A 60 19.66 1.36 2.80
CA HIS A 60 20.09 0.52 1.67
C HIS A 60 20.29 1.38 0.42
N MET A 1 -13.28 2.02 -19.35
CA MET A 1 -12.72 0.66 -19.51
C MET A 1 -12.22 0.12 -18.17
N LYS A 2 -12.30 -1.20 -18.00
CA LYS A 2 -11.80 -1.85 -16.79
C LYS A 2 -10.27 -1.78 -16.76
N ARG A 3 -9.67 -1.65 -17.93
CA ARG A 3 -8.22 -1.54 -18.06
C ARG A 3 -7.72 -0.30 -17.32
N GLN A 4 -8.61 0.68 -17.16
CA GLN A 4 -8.28 1.93 -16.50
C GLN A 4 -8.21 1.74 -14.98
N LYS A 5 -8.60 0.57 -14.50
CA LYS A 5 -8.40 0.22 -13.10
C LYS A 5 -6.91 0.17 -12.81
N ARG A 6 -6.15 -0.28 -13.80
CA ARG A 6 -4.71 -0.45 -13.66
C ARG A 6 -4.04 0.88 -13.30
N ASP A 7 -4.61 1.98 -13.80
CA ASP A 7 -4.12 3.32 -13.45
C ASP A 7 -4.23 3.54 -11.95
N ARG A 8 -5.45 3.41 -11.45
CA ARG A 8 -5.75 3.73 -10.07
C ARG A 8 -5.19 2.67 -9.13
N LEU A 9 -4.87 1.50 -9.69
CA LEU A 9 -4.26 0.42 -8.92
C LEU A 9 -2.74 0.58 -8.88
N GLU A 10 -2.16 1.08 -9.97
CA GLU A 10 -0.73 1.37 -10.01
C GLU A 10 -0.43 2.45 -8.99
N ARG A 11 -1.35 3.40 -8.89
CA ARG A 11 -1.25 4.51 -7.96
C ARG A 11 -1.57 4.02 -6.56
N ALA A 12 -2.50 3.08 -6.47
CA ALA A 12 -2.85 2.44 -5.21
C ALA A 12 -1.67 1.65 -4.67
N GLN A 13 -0.86 1.12 -5.57
CA GLN A 13 0.30 0.34 -5.16
C GLN A 13 1.29 1.22 -4.44
N SER A 14 1.64 2.34 -5.06
CA SER A 14 2.54 3.31 -4.47
C SER A 14 1.87 4.01 -3.29
N GLN A 15 0.56 4.20 -3.40
CA GLN A 15 -0.22 4.85 -2.36
C GLN A 15 -0.26 4.00 -1.10
N GLY A 16 -0.41 2.69 -1.27
CA GLY A 16 -0.41 1.79 -0.12
C GLY A 16 0.88 1.88 0.66
N TYR A 17 1.99 1.94 -0.06
CA TYR A 17 3.30 2.10 0.56
C TYR A 17 3.35 3.41 1.34
N LYS A 18 2.92 4.47 0.67
CA LYS A 18 2.86 5.81 1.25
C LYS A 18 1.86 5.85 2.40
N ALA A 19 0.76 5.11 2.26
CA ALA A 19 -0.27 5.06 3.28
C ALA A 19 0.25 4.36 4.53
N GLY A 20 1.32 3.60 4.38
CA GLY A 20 1.98 3.03 5.52
C GLY A 20 2.61 4.10 6.40
N LEU A 21 3.03 5.18 5.77
CA LEU A 21 3.64 6.29 6.49
C LEU A 21 2.59 7.36 6.77
N ASN A 22 1.89 7.76 5.73
CA ASN A 22 0.98 8.89 5.78
C ASN A 22 -0.47 8.48 6.01
N GLY A 23 -0.86 7.33 5.49
CA GLY A 23 -2.26 6.96 5.50
C GLY A 23 -2.66 6.33 6.81
N ARG A 24 -1.63 5.87 7.53
CA ARG A 24 -1.79 5.16 8.79
C ARG A 24 -2.57 3.86 8.65
N SER A 25 -3.89 3.97 8.59
CA SER A 25 -4.78 2.81 8.61
C SER A 25 -5.05 2.29 7.20
N GLN A 26 -5.61 1.09 7.14
CA GLN A 26 -5.98 0.47 5.87
C GLN A 26 -7.34 0.99 5.43
N GLU A 27 -8.00 1.66 6.36
CA GLU A 27 -9.31 2.25 6.12
C GLU A 27 -9.17 3.49 5.24
N ALA A 28 -7.93 3.88 4.97
CA ALA A 28 -7.64 5.02 4.12
C ALA A 28 -7.50 4.58 2.66
N CYS A 29 -8.13 3.46 2.32
CA CYS A 29 -8.10 2.95 0.97
C CYS A 29 -9.41 3.29 0.24
N PRO A 30 -9.44 4.44 -0.48
CA PRO A 30 -10.65 4.93 -1.16
C PRO A 30 -10.79 4.54 -2.64
N TYR A 31 -9.74 3.96 -3.21
CA TYR A 31 -9.71 3.69 -4.66
C TYR A 31 -10.78 2.70 -5.09
N GLN A 32 -10.82 1.56 -4.41
CA GLN A 32 -11.67 0.44 -4.78
C GLN A 32 -11.69 -0.51 -3.60
N GLN A 33 -12.46 -1.58 -3.65
CA GLN A 33 -12.35 -2.58 -2.61
C GLN A 33 -11.46 -3.75 -3.03
N VAL A 34 -11.96 -4.64 -3.86
CA VAL A 34 -11.24 -5.87 -4.15
C VAL A 34 -9.97 -5.59 -4.93
N ASP A 35 -10.12 -4.84 -6.00
CA ASP A 35 -8.99 -4.51 -6.86
C ASP A 35 -7.97 -3.73 -6.04
N ALA A 36 -8.46 -2.72 -5.35
CA ALA A 36 -7.62 -1.82 -4.59
C ALA A 36 -6.85 -2.56 -3.51
N ARG A 37 -7.55 -3.28 -2.63
CA ARG A 37 -6.85 -3.88 -1.49
C ARG A 37 -5.86 -4.94 -1.94
N SER A 38 -6.05 -5.49 -3.14
CA SER A 38 -5.11 -6.45 -3.68
C SER A 38 -3.79 -5.75 -4.00
N TYR A 39 -3.87 -4.52 -4.50
CA TYR A 39 -2.67 -3.74 -4.80
C TYR A 39 -2.24 -2.87 -3.63
N TRP A 40 -3.19 -2.09 -3.13
CA TRP A 40 -2.97 -1.09 -2.10
C TRP A 40 -2.46 -1.73 -0.81
N LEU A 41 -3.15 -2.78 -0.35
CA LEU A 41 -2.76 -3.42 0.91
C LEU A 41 -1.48 -4.22 0.74
N GLY A 42 -1.20 -4.62 -0.48
CA GLY A 42 0.03 -5.33 -0.77
C GLY A 42 1.24 -4.43 -0.55
N GLY A 43 1.16 -3.20 -1.04
CA GLY A 43 2.23 -2.24 -0.85
C GLY A 43 2.26 -1.71 0.57
N TRP A 44 1.10 -1.71 1.20
CA TRP A 44 0.97 -1.26 2.58
C TRP A 44 1.75 -2.17 3.51
N ARG A 45 1.50 -3.47 3.41
CA ARG A 45 2.20 -4.45 4.22
C ARG A 45 3.67 -4.50 3.83
N ASP A 46 3.93 -4.32 2.53
CA ASP A 46 5.29 -4.30 2.01
C ASP A 46 6.10 -3.23 2.71
N ALA A 47 5.56 -2.02 2.77
CA ALA A 47 6.22 -0.91 3.45
C ALA A 47 6.51 -1.23 4.90
N ARG A 48 5.56 -1.90 5.55
CA ARG A 48 5.67 -2.22 6.97
C ARG A 48 6.92 -3.02 7.27
N ASP A 49 7.08 -4.16 6.61
CA ASP A 49 8.16 -5.07 6.95
C ASP A 49 9.40 -4.81 6.11
N GLU A 50 9.31 -3.82 5.23
CA GLU A 50 10.43 -3.39 4.41
C GLU A 50 11.28 -2.45 5.21
N LYS A 51 10.61 -1.68 6.05
CA LYS A 51 11.30 -0.80 6.97
C LYS A 51 11.60 -1.58 8.23
N GLN A 52 10.82 -2.64 8.42
CA GLN A 52 11.01 -3.53 9.54
C GLN A 52 12.23 -4.41 9.30
N SER A 53 12.64 -4.49 8.04
CA SER A 53 13.92 -5.11 7.68
C SER A 53 15.07 -4.37 8.35
N GLY A 54 14.84 -3.10 8.69
CA GLY A 54 15.84 -2.31 9.37
C GLY A 54 16.05 -2.74 10.80
N LEU A 55 15.14 -3.56 11.31
CA LEU A 55 15.26 -4.08 12.65
C LEU A 55 16.00 -5.40 12.63
N TYR A 56 15.30 -6.46 12.22
CA TYR A 56 15.86 -7.81 12.21
C TYR A 56 14.93 -8.75 11.44
N LYS A 57 14.16 -8.18 10.53
CA LYS A 57 13.16 -8.94 9.78
C LYS A 57 13.30 -8.62 8.30
N LEU A 58 14.47 -8.93 7.75
CA LEU A 58 14.73 -8.70 6.34
C LEU A 58 14.14 -9.82 5.49
N GLU A 59 14.95 -10.87 5.25
CA GLU A 59 14.55 -12.01 4.44
C GLU A 59 13.95 -11.55 3.10
N HIS A 60 12.75 -12.04 2.79
CA HIS A 60 12.05 -11.66 1.56
C HIS A 60 10.57 -11.52 1.85
N MET A 1 -12.86 8.35 -20.15
CA MET A 1 -11.62 9.15 -20.01
C MET A 1 -11.25 9.31 -18.54
N LYS A 2 -9.98 9.05 -18.22
CA LYS A 2 -9.49 9.15 -16.84
C LYS A 2 -10.23 8.16 -15.93
N ARG A 3 -10.45 6.96 -16.45
CA ARG A 3 -11.17 5.92 -15.74
C ARG A 3 -10.50 4.57 -15.93
N GLN A 4 -9.21 4.60 -16.21
CA GLN A 4 -8.43 3.39 -16.45
C GLN A 4 -8.38 2.55 -15.17
N LYS A 5 -8.79 1.29 -15.28
CA LYS A 5 -8.89 0.41 -14.12
C LYS A 5 -7.51 -0.01 -13.60
N ARG A 6 -6.51 -0.04 -14.46
CA ARG A 6 -5.17 -0.38 -13.99
C ARG A 6 -4.48 0.87 -13.45
N ASP A 7 -4.81 2.01 -14.05
CA ASP A 7 -4.25 3.30 -13.63
C ASP A 7 -4.57 3.56 -12.17
N ARG A 8 -5.86 3.48 -11.86
CA ARG A 8 -6.35 3.78 -10.53
C ARG A 8 -5.79 2.83 -9.48
N LEU A 9 -5.45 1.63 -9.90
CA LEU A 9 -4.94 0.62 -8.98
C LEU A 9 -3.43 0.65 -8.88
N GLU A 10 -2.76 0.97 -9.98
CA GLU A 10 -1.32 1.18 -9.96
C GLU A 10 -1.02 2.45 -9.18
N ARG A 11 -2.01 3.34 -9.18
CA ARG A 11 -1.97 4.56 -8.39
C ARG A 11 -2.16 4.21 -6.94
N ALA A 12 -3.11 3.29 -6.70
CA ALA A 12 -3.36 2.76 -5.37
C ALA A 12 -2.13 2.04 -4.84
N GLN A 13 -1.37 1.45 -5.75
CA GLN A 13 -0.13 0.76 -5.38
C GLN A 13 0.87 1.77 -4.83
N SER A 14 1.08 2.85 -5.58
CA SER A 14 2.00 3.90 -5.16
C SER A 14 1.47 4.62 -3.93
N GLN A 15 0.15 4.85 -3.90
CA GLN A 15 -0.52 5.48 -2.78
C GLN A 15 -0.38 4.61 -1.53
N GLY A 16 -0.64 3.32 -1.70
CA GLY A 16 -0.55 2.37 -0.60
C GLY A 16 0.84 2.33 0.01
N TYR A 17 1.86 2.41 -0.83
CA TYR A 17 3.24 2.42 -0.35
C TYR A 17 3.47 3.66 0.51
N LYS A 18 2.92 4.78 0.07
CA LYS A 18 2.99 6.03 0.83
C LYS A 18 2.13 5.93 2.08
N ALA A 19 1.09 5.12 2.00
CA ALA A 19 0.14 4.96 3.10
C ALA A 19 0.73 4.09 4.20
N GLY A 20 1.70 3.27 3.83
CA GLY A 20 2.41 2.49 4.83
C GLY A 20 3.28 3.36 5.70
N LEU A 21 3.66 4.51 5.14
CA LEU A 21 4.49 5.47 5.86
C LEU A 21 3.60 6.55 6.46
N ASN A 22 2.82 7.18 5.60
CA ASN A 22 2.02 8.34 5.96
C ASN A 22 0.62 7.95 6.38
N GLY A 23 0.07 6.90 5.78
CA GLY A 23 -1.33 6.58 5.97
C GLY A 23 -1.58 5.94 7.31
N ARG A 24 -0.51 5.41 7.90
CA ARG A 24 -0.54 4.75 9.20
C ARG A 24 -1.32 3.43 9.16
N SER A 25 -2.59 3.53 8.80
CA SER A 25 -3.51 2.41 8.87
C SER A 25 -4.01 2.01 7.48
N GLN A 26 -4.75 0.90 7.42
CA GLN A 26 -5.33 0.42 6.18
C GLN A 26 -6.70 1.06 5.97
N GLU A 27 -7.15 1.72 7.03
CA GLU A 27 -8.44 2.39 7.05
C GLU A 27 -8.48 3.56 6.07
N ALA A 28 -7.31 3.89 5.53
CA ALA A 28 -7.15 5.02 4.63
C ALA A 28 -7.13 4.58 3.18
N CYS A 29 -7.84 3.49 2.88
CA CYS A 29 -7.92 2.98 1.51
C CYS A 29 -9.26 3.37 0.87
N PRO A 30 -9.30 4.49 0.14
CA PRO A 30 -10.51 4.99 -0.52
C PRO A 30 -10.60 4.59 -1.99
N TYR A 31 -9.90 3.52 -2.37
CA TYR A 31 -9.86 3.12 -3.77
C TYR A 31 -10.85 2.02 -4.10
N GLN A 32 -10.57 0.81 -3.66
CA GLN A 32 -11.37 -0.34 -4.07
C GLN A 32 -11.38 -1.37 -2.93
N GLN A 33 -11.99 -2.52 -3.15
CA GLN A 33 -12.01 -3.55 -2.13
C GLN A 33 -10.98 -4.64 -2.40
N VAL A 34 -11.30 -5.53 -3.32
CA VAL A 34 -10.46 -6.67 -3.62
C VAL A 34 -9.25 -6.24 -4.42
N ASP A 35 -9.51 -5.49 -5.46
CA ASP A 35 -8.46 -5.03 -6.36
C ASP A 35 -7.50 -4.13 -5.59
N ALA A 36 -8.04 -3.35 -4.68
CA ALA A 36 -7.25 -2.43 -3.90
C ALA A 36 -6.40 -3.16 -2.88
N ARG A 37 -6.87 -4.30 -2.40
CA ARG A 37 -6.06 -5.12 -1.51
C ARG A 37 -4.78 -5.54 -2.23
N SER A 38 -4.97 -6.05 -3.44
CA SER A 38 -3.88 -6.61 -4.22
C SER A 38 -2.83 -5.54 -4.52
N TYR A 39 -3.29 -4.34 -4.82
CA TYR A 39 -2.39 -3.25 -5.16
C TYR A 39 -2.05 -2.40 -3.93
N TRP A 40 -3.05 -1.71 -3.42
CA TRP A 40 -2.87 -0.73 -2.35
C TRP A 40 -2.37 -1.40 -1.07
N LEU A 41 -2.97 -2.53 -0.70
CA LEU A 41 -2.63 -3.16 0.58
C LEU A 41 -1.31 -3.91 0.43
N GLY A 42 -1.04 -4.35 -0.80
CA GLY A 42 0.23 -4.98 -1.09
C GLY A 42 1.38 -4.02 -0.93
N GLY A 43 1.22 -2.82 -1.48
CA GLY A 43 2.21 -1.78 -1.30
C GLY A 43 2.29 -1.32 0.14
N TRP A 44 1.14 -1.23 0.78
CA TRP A 44 1.06 -0.85 2.19
C TRP A 44 1.85 -1.82 3.05
N ARG A 45 1.56 -3.11 2.90
CA ARG A 45 2.24 -4.14 3.69
C ARG A 45 3.73 -4.16 3.38
N ASP A 46 4.07 -4.08 2.11
CA ASP A 46 5.47 -4.12 1.70
C ASP A 46 6.27 -3.05 2.42
N ALA A 47 5.80 -1.81 2.32
CA ALA A 47 6.45 -0.68 2.96
C ALA A 47 6.50 -0.87 4.48
N ARG A 48 5.37 -1.29 5.05
CA ARG A 48 5.26 -1.45 6.48
C ARG A 48 6.17 -2.57 6.98
N ASP A 49 6.00 -3.78 6.44
CA ASP A 49 6.77 -4.94 6.88
C ASP A 49 8.26 -4.79 6.60
N GLU A 50 8.60 -3.87 5.71
CA GLU A 50 9.98 -3.64 5.32
C GLU A 50 10.69 -2.84 6.40
N LYS A 51 10.02 -1.78 6.82
CA LYS A 51 10.59 -0.86 7.78
C LYS A 51 10.31 -1.40 9.16
N GLN A 52 9.39 -2.35 9.18
CA GLN A 52 9.06 -3.08 10.38
C GLN A 52 10.19 -4.05 10.72
N SER A 53 10.71 -4.71 9.68
CA SER A 53 11.86 -5.59 9.82
C SER A 53 13.13 -4.78 10.00
N GLY A 54 13.10 -3.53 9.53
CA GLY A 54 14.21 -2.62 9.72
C GLY A 54 14.40 -2.25 11.17
N LEU A 55 13.29 -2.07 11.87
CA LEU A 55 13.32 -1.80 13.30
C LEU A 55 13.48 -3.11 14.07
N TYR A 56 12.82 -4.14 13.56
CA TYR A 56 12.94 -5.51 14.06
C TYR A 56 12.48 -5.62 15.52
N LYS A 57 11.68 -4.66 15.95
CA LYS A 57 11.18 -4.64 17.31
C LYS A 57 9.74 -4.12 17.32
N LEU A 58 8.87 -4.86 16.64
CA LEU A 58 7.48 -4.49 16.49
C LEU A 58 6.69 -4.72 17.76
N GLU A 59 7.02 -5.83 18.40
CA GLU A 59 6.38 -6.27 19.64
C GLU A 59 6.15 -5.14 20.62
N HIS A 60 4.89 -4.87 20.91
CA HIS A 60 4.52 -3.89 21.92
C HIS A 60 4.27 -4.57 23.25
N MET A 1 -13.46 1.65 -16.70
CA MET A 1 -13.39 0.67 -17.81
C MET A 1 -12.08 -0.11 -17.76
N LYS A 2 -11.85 -0.95 -18.76
CA LYS A 2 -10.68 -1.81 -18.80
C LYS A 2 -9.47 -1.08 -19.36
N ARG A 3 -8.35 -1.79 -19.45
CA ARG A 3 -7.06 -1.26 -19.94
C ARG A 3 -6.44 -0.34 -18.91
N GLN A 4 -7.19 0.69 -18.54
CA GLN A 4 -6.74 1.67 -17.57
C GLN A 4 -7.01 1.20 -16.16
N LYS A 5 -7.50 -0.02 -16.03
CA LYS A 5 -7.90 -0.53 -14.75
C LYS A 5 -6.70 -0.69 -13.82
N ARG A 6 -5.58 -1.15 -14.38
CA ARG A 6 -4.38 -1.32 -13.59
C ARG A 6 -3.75 0.03 -13.30
N ASP A 7 -4.04 1.04 -14.11
CA ASP A 7 -3.51 2.39 -13.91
C ASP A 7 -3.83 2.90 -12.51
N ARG A 8 -5.12 2.98 -12.21
CA ARG A 8 -5.58 3.49 -10.91
C ARG A 8 -5.13 2.58 -9.77
N LEU A 9 -5.05 1.28 -10.02
CA LEU A 9 -4.67 0.33 -8.99
C LEU A 9 -3.16 0.33 -8.75
N GLU A 10 -2.39 0.54 -9.80
CA GLU A 10 -0.94 0.61 -9.68
C GLU A 10 -0.54 1.88 -8.93
N ARG A 11 -1.35 2.92 -9.08
CA ARG A 11 -1.11 4.16 -8.36
C ARG A 11 -1.64 4.01 -6.95
N ALA A 12 -2.67 3.19 -6.79
CA ALA A 12 -3.16 2.81 -5.47
C ALA A 12 -2.06 2.08 -4.72
N GLN A 13 -1.23 1.36 -5.46
CA GLN A 13 -0.11 0.65 -4.86
C GLN A 13 0.88 1.64 -4.26
N SER A 14 1.22 2.65 -5.04
CA SER A 14 2.12 3.71 -4.59
C SER A 14 1.47 4.50 -3.45
N GLN A 15 0.18 4.75 -3.59
CA GLN A 15 -0.60 5.44 -2.57
C GLN A 15 -0.55 4.67 -1.26
N GLY A 16 -0.75 3.36 -1.37
CA GLY A 16 -0.69 2.49 -0.20
C GLY A 16 0.67 2.52 0.45
N TYR A 17 1.72 2.69 -0.34
CA TYR A 17 3.06 2.80 0.19
C TYR A 17 3.19 4.03 1.08
N LYS A 18 2.68 5.17 0.59
CA LYS A 18 2.68 6.39 1.38
C LYS A 18 1.67 6.27 2.52
N ALA A 19 0.71 5.37 2.35
CA ALA A 19 -0.30 5.15 3.35
C ALA A 19 0.27 4.31 4.49
N GLY A 20 1.34 3.61 4.20
CA GLY A 20 2.04 2.89 5.25
C GLY A 20 2.96 3.80 6.02
N LEU A 21 3.18 4.99 5.49
CA LEU A 21 4.00 5.99 6.16
C LEU A 21 3.09 6.99 6.84
N ASN A 22 2.19 7.56 6.05
CA ASN A 22 1.32 8.63 6.48
C ASN A 22 -0.07 8.13 6.82
N GLY A 23 -0.54 7.12 6.08
CA GLY A 23 -1.95 6.74 6.17
C GLY A 23 -2.23 5.91 7.39
N ARG A 24 -1.16 5.32 7.94
CA ARG A 24 -1.22 4.49 9.13
C ARG A 24 -1.98 3.18 8.90
N SER A 25 -3.27 3.27 8.68
CA SER A 25 -4.13 2.10 8.68
C SER A 25 -4.66 1.76 7.28
N GLN A 26 -5.34 0.63 7.19
CA GLN A 26 -5.96 0.16 5.95
C GLN A 26 -7.26 0.93 5.71
N GLU A 27 -7.71 1.59 6.76
CA GLU A 27 -8.92 2.41 6.73
C GLU A 27 -8.83 3.49 5.65
N ALA A 28 -7.60 3.81 5.26
CA ALA A 28 -7.32 4.90 4.36
C ALA A 28 -7.35 4.47 2.89
N CYS A 29 -8.11 3.42 2.60
CA CYS A 29 -8.20 2.90 1.22
C CYS A 29 -9.57 3.24 0.61
N PRO A 30 -9.69 4.41 -0.03
CA PRO A 30 -10.94 4.87 -0.63
C PRO A 30 -11.02 4.66 -2.16
N TYR A 31 -10.42 3.59 -2.67
CA TYR A 31 -10.36 3.38 -4.11
C TYR A 31 -11.24 2.24 -4.59
N GLN A 32 -11.32 1.18 -3.78
CA GLN A 32 -12.04 -0.04 -4.14
C GLN A 32 -11.90 -0.99 -2.96
N GLN A 33 -12.50 -2.15 -3.00
CA GLN A 33 -12.32 -3.11 -1.93
C GLN A 33 -11.32 -4.21 -2.30
N VAL A 34 -11.77 -5.16 -3.10
CA VAL A 34 -10.98 -6.35 -3.40
C VAL A 34 -9.72 -6.00 -4.19
N ASP A 35 -9.93 -5.33 -5.31
CA ASP A 35 -8.85 -5.02 -6.23
C ASP A 35 -7.91 -4.01 -5.61
N ALA A 36 -8.49 -3.05 -4.91
CA ALA A 36 -7.73 -2.03 -4.23
C ALA A 36 -6.86 -2.64 -3.15
N ARG A 37 -7.43 -3.51 -2.34
CA ARG A 37 -6.68 -4.09 -1.23
C ARG A 37 -5.46 -4.86 -1.73
N SER A 38 -5.60 -5.53 -2.87
CA SER A 38 -4.51 -6.33 -3.39
C SER A 38 -3.37 -5.45 -3.91
N TYR A 39 -3.70 -4.26 -4.41
CA TYR A 39 -2.68 -3.34 -4.90
C TYR A 39 -2.28 -2.32 -3.84
N TRP A 40 -3.27 -1.59 -3.35
CA TRP A 40 -3.07 -0.51 -2.38
C TRP A 40 -2.41 -1.05 -1.10
N LEU A 41 -2.99 -2.10 -0.54
CA LEU A 41 -2.50 -2.64 0.71
C LEU A 41 -1.21 -3.43 0.46
N GLY A 42 -0.98 -3.74 -0.82
CA GLY A 42 0.28 -4.36 -1.21
C GLY A 42 1.45 -3.46 -0.92
N GLY A 43 1.30 -2.18 -1.27
CA GLY A 43 2.31 -1.20 -0.95
C GLY A 43 2.31 -0.82 0.51
N TRP A 44 1.14 -0.87 1.12
CA TRP A 44 0.98 -0.60 2.54
C TRP A 44 1.82 -1.56 3.37
N ARG A 45 1.66 -2.85 3.11
CA ARG A 45 2.49 -3.86 3.76
C ARG A 45 3.96 -3.65 3.42
N ASP A 46 4.22 -3.40 2.15
CA ASP A 46 5.59 -3.26 1.67
C ASP A 46 6.36 -2.23 2.48
N ALA A 47 5.76 -1.08 2.68
CA ALA A 47 6.37 -0.01 3.47
C ALA A 47 6.67 -0.49 4.89
N ARG A 48 5.64 -1.02 5.56
CA ARG A 48 5.81 -1.50 6.93
C ARG A 48 6.85 -2.62 6.97
N ASP A 49 6.67 -3.63 6.14
CA ASP A 49 7.55 -4.80 6.09
C ASP A 49 8.97 -4.43 5.66
N GLU A 50 9.14 -3.22 5.15
CA GLU A 50 10.45 -2.77 4.70
C GLU A 50 11.20 -2.22 5.90
N LYS A 51 10.45 -1.58 6.78
CA LYS A 51 11.03 -0.98 7.97
C LYS A 51 10.98 -1.99 9.09
N GLN A 52 10.19 -3.03 8.85
CA GLN A 52 10.04 -4.12 9.80
C GLN A 52 11.15 -5.16 9.63
N SER A 53 11.20 -5.76 8.44
CA SER A 53 12.19 -6.79 8.15
C SER A 53 13.61 -6.21 8.13
N GLY A 54 13.69 -4.89 7.98
CA GLY A 54 14.97 -4.22 7.94
C GLY A 54 15.67 -4.22 9.28
N LEU A 55 14.88 -4.35 10.35
CA LEU A 55 15.43 -4.29 11.70
C LEU A 55 15.89 -5.65 12.18
N TYR A 56 16.72 -6.30 11.37
CA TYR A 56 17.36 -7.55 11.78
C TYR A 56 18.45 -7.26 12.81
N LYS A 57 18.67 -5.98 13.06
CA LYS A 57 19.68 -5.52 14.00
C LYS A 57 19.06 -5.31 15.37
N LEU A 58 17.92 -4.63 15.38
CA LEU A 58 17.23 -4.31 16.62
C LEU A 58 16.68 -5.58 17.25
N GLU A 59 15.74 -6.21 16.57
CA GLU A 59 15.16 -7.45 17.05
C GLU A 59 15.97 -8.63 16.52
N HIS A 60 16.76 -9.22 17.40
CA HIS A 60 17.57 -10.37 17.06
C HIS A 60 17.41 -11.41 18.16
N MET A 1 -4.74 8.41 -16.34
CA MET A 1 -6.08 8.57 -16.95
C MET A 1 -7.17 8.34 -15.90
N LYS A 2 -6.79 7.74 -14.76
CA LYS A 2 -7.70 7.51 -13.64
C LYS A 2 -8.69 6.39 -13.91
N ARG A 3 -9.46 6.50 -14.99
CA ARG A 3 -10.50 5.53 -15.27
C ARG A 3 -9.97 4.39 -16.13
N GLN A 4 -9.11 3.59 -15.54
CA GLN A 4 -8.65 2.35 -16.12
C GLN A 4 -8.48 1.31 -15.02
N LYS A 5 -8.47 0.04 -15.38
CA LYS A 5 -8.39 -1.02 -14.39
C LYS A 5 -7.00 -1.08 -13.76
N ARG A 6 -5.97 -0.84 -14.56
CA ARG A 6 -4.61 -0.81 -14.04
C ARG A 6 -4.30 0.54 -13.43
N ASP A 7 -4.69 1.61 -14.13
CA ASP A 7 -4.38 2.99 -13.73
C ASP A 7 -4.60 3.21 -12.23
N ARG A 8 -5.83 2.97 -11.82
CA ARG A 8 -6.24 3.23 -10.45
C ARG A 8 -5.47 2.37 -9.45
N LEU A 9 -5.09 1.18 -9.88
CA LEU A 9 -4.38 0.26 -9.00
C LEU A 9 -2.88 0.56 -9.00
N GLU A 10 -2.39 1.06 -10.12
CA GLU A 10 -1.01 1.53 -10.24
C GLU A 10 -0.79 2.70 -9.28
N ARG A 11 -1.84 3.47 -9.10
CA ARG A 11 -1.82 4.62 -8.22
C ARG A 11 -2.10 4.18 -6.80
N ALA A 12 -3.07 3.27 -6.66
CA ALA A 12 -3.39 2.70 -5.36
C ALA A 12 -2.17 2.03 -4.74
N GLN A 13 -1.34 1.41 -5.57
CA GLN A 13 -0.15 0.74 -5.06
C GLN A 13 0.86 1.77 -4.54
N SER A 14 1.02 2.84 -5.30
CA SER A 14 1.95 3.90 -4.92
C SER A 14 1.41 4.69 -3.73
N GLN A 15 0.11 4.92 -3.72
CA GLN A 15 -0.56 5.61 -2.64
C GLN A 15 -0.50 4.75 -1.37
N GLY A 16 -0.85 3.48 -1.53
CA GLY A 16 -0.84 2.55 -0.42
C GLY A 16 0.52 2.43 0.22
N TYR A 17 1.57 2.45 -0.59
CA TYR A 17 2.93 2.40 -0.08
C TYR A 17 3.19 3.59 0.85
N LYS A 18 2.90 4.80 0.35
CA LYS A 18 3.07 5.99 1.16
C LYS A 18 2.14 5.96 2.37
N ALA A 19 0.97 5.36 2.18
CA ALA A 19 0.00 5.20 3.25
C ALA A 19 0.51 4.24 4.31
N GLY A 20 1.51 3.45 3.95
CA GLY A 20 2.14 2.59 4.92
C GLY A 20 2.98 3.38 5.90
N LEU A 21 3.71 4.36 5.38
CA LEU A 21 4.56 5.21 6.20
C LEU A 21 3.74 6.35 6.82
N ASN A 22 2.94 7.00 5.99
CA ASN A 22 2.22 8.19 6.39
C ASN A 22 0.78 7.90 6.80
N GLY A 23 0.13 6.98 6.10
CA GLY A 23 -1.28 6.73 6.34
C GLY A 23 -1.51 5.89 7.57
N ARG A 24 -0.46 5.17 7.97
CA ARG A 24 -0.46 4.29 9.14
C ARG A 24 -1.34 3.06 8.95
N SER A 25 -2.63 3.28 8.74
CA SER A 25 -3.62 2.20 8.72
C SER A 25 -4.11 1.89 7.31
N GLN A 26 -4.82 0.78 7.19
CA GLN A 26 -5.44 0.37 5.93
C GLN A 26 -6.75 1.12 5.72
N GLU A 27 -7.17 1.81 6.78
CA GLU A 27 -8.40 2.59 6.78
C GLU A 27 -8.31 3.74 5.77
N ALA A 28 -7.10 4.01 5.32
CA ALA A 28 -6.85 5.14 4.42
C ALA A 28 -7.00 4.75 2.96
N CYS A 29 -7.74 3.68 2.68
CA CYS A 29 -7.94 3.23 1.31
C CYS A 29 -9.32 3.66 0.80
N PRO A 30 -9.39 4.79 0.06
CA PRO A 30 -10.62 5.32 -0.50
C PRO A 30 -10.86 4.91 -1.96
N TYR A 31 -10.17 3.88 -2.43
CA TYR A 31 -10.23 3.53 -3.85
C TYR A 31 -11.24 2.43 -4.15
N GLN A 32 -10.81 1.19 -3.98
CA GLN A 32 -11.59 0.03 -4.39
C GLN A 32 -11.51 -1.03 -3.30
N GLN A 33 -12.18 -2.15 -3.47
CA GLN A 33 -12.23 -3.16 -2.43
C GLN A 33 -11.25 -4.31 -2.67
N VAL A 34 -11.60 -5.20 -3.58
CA VAL A 34 -10.83 -6.41 -3.79
C VAL A 34 -9.52 -6.12 -4.53
N ASP A 35 -9.65 -5.46 -5.66
CA ASP A 35 -8.51 -5.21 -6.53
C ASP A 35 -7.55 -4.25 -5.83
N ALA A 36 -8.13 -3.25 -5.20
CA ALA A 36 -7.36 -2.28 -4.44
C ALA A 36 -6.68 -2.95 -3.27
N ARG A 37 -7.30 -3.98 -2.72
CA ARG A 37 -6.72 -4.68 -1.58
C ARG A 37 -5.38 -5.27 -1.97
N SER A 38 -5.34 -5.94 -3.11
CA SER A 38 -4.13 -6.61 -3.56
C SER A 38 -3.05 -5.59 -3.96
N TYR A 39 -3.47 -4.44 -4.47
CA TYR A 39 -2.51 -3.44 -4.92
C TYR A 39 -2.17 -2.43 -3.82
N TRP A 40 -3.19 -1.79 -3.28
CA TRP A 40 -3.02 -0.75 -2.27
C TRP A 40 -2.45 -1.35 -0.99
N LEU A 41 -3.10 -2.39 -0.48
CA LEU A 41 -2.68 -3.00 0.79
C LEU A 41 -1.37 -3.76 0.57
N GLY A 42 -1.16 -4.22 -0.66
CA GLY A 42 0.09 -4.84 -1.03
C GLY A 42 1.26 -3.90 -0.83
N GLY A 43 1.10 -2.66 -1.32
CA GLY A 43 2.12 -1.65 -1.13
C GLY A 43 2.18 -1.18 0.31
N TRP A 44 1.02 -1.10 0.95
CA TRP A 44 0.93 -0.73 2.36
C TRP A 44 1.73 -1.69 3.21
N ARG A 45 1.49 -2.99 3.02
CA ARG A 45 2.17 -4.01 3.80
C ARG A 45 3.65 -4.08 3.40
N ASP A 46 3.95 -3.66 2.18
CA ASP A 46 5.34 -3.56 1.73
C ASP A 46 6.08 -2.53 2.56
N ALA A 47 5.48 -1.35 2.67
CA ALA A 47 6.03 -0.27 3.50
C ALA A 47 6.08 -0.72 4.96
N ARG A 48 5.02 -1.40 5.40
CA ARG A 48 4.97 -1.92 6.75
C ARG A 48 6.12 -2.89 6.98
N ASP A 49 6.39 -3.72 5.99
CA ASP A 49 7.48 -4.71 6.09
C ASP A 49 8.82 -4.06 5.77
N GLU A 50 8.77 -2.79 5.39
CA GLU A 50 9.97 -2.03 5.09
C GLU A 50 10.53 -1.48 6.39
N LYS A 51 9.64 -1.23 7.33
CA LYS A 51 10.03 -0.88 8.68
C LYS A 51 10.26 -2.17 9.45
N GLN A 52 9.55 -3.20 9.01
CA GLN A 52 9.66 -4.51 9.61
C GLN A 52 10.99 -5.14 9.18
N SER A 53 11.56 -4.59 8.12
CA SER A 53 12.87 -4.99 7.62
C SER A 53 13.97 -4.49 8.55
N GLY A 54 13.58 -3.62 9.49
CA GLY A 54 14.52 -3.16 10.50
C GLY A 54 14.73 -4.20 11.57
N LEU A 55 14.04 -5.33 11.41
CA LEU A 55 14.16 -6.49 12.28
C LEU A 55 13.58 -6.22 13.66
N TYR A 56 12.99 -5.02 13.84
CA TYR A 56 12.35 -4.61 15.09
C TYR A 56 13.36 -4.39 16.21
N LYS A 57 14.18 -5.39 16.45
CA LYS A 57 15.15 -5.35 17.53
C LYS A 57 16.34 -4.46 17.18
N LEU A 58 16.48 -4.14 15.91
CA LEU A 58 17.55 -3.25 15.47
C LEU A 58 17.07 -1.82 15.39
N GLU A 59 16.73 -1.36 14.17
CA GLU A 59 16.33 0.03 13.92
C GLU A 59 17.14 0.99 14.77
N HIS A 60 18.46 0.85 14.70
CA HIS A 60 19.35 1.51 15.64
C HIS A 60 19.56 2.98 15.29
N MET A 1 -7.20 4.49 -24.16
CA MET A 1 -7.32 3.06 -23.83
C MET A 1 -8.26 2.87 -22.66
N LYS A 2 -8.98 1.76 -22.66
CA LYS A 2 -9.96 1.47 -21.62
C LYS A 2 -9.35 0.58 -20.53
N ARG A 3 -8.06 0.31 -20.65
CA ARG A 3 -7.33 -0.48 -19.64
C ARG A 3 -6.92 0.41 -18.47
N GLN A 4 -7.61 1.53 -18.32
CA GLN A 4 -7.26 2.53 -17.32
C GLN A 4 -7.68 2.06 -15.92
N LYS A 5 -8.29 0.88 -15.86
CA LYS A 5 -8.72 0.30 -14.60
C LYS A 5 -7.52 0.02 -13.70
N ARG A 6 -6.47 -0.52 -14.28
CA ARG A 6 -5.29 -0.90 -13.52
C ARG A 6 -4.46 0.34 -13.19
N ASP A 7 -4.66 1.41 -13.97
CA ASP A 7 -3.99 2.69 -13.71
C ASP A 7 -4.32 3.17 -12.32
N ARG A 8 -5.59 3.14 -12.02
CA ARG A 8 -6.12 3.60 -10.75
C ARG A 8 -5.54 2.78 -9.59
N LEU A 9 -5.33 1.51 -9.82
CA LEU A 9 -4.86 0.60 -8.78
C LEU A 9 -3.34 0.56 -8.70
N GLU A 10 -2.66 0.75 -9.82
CA GLU A 10 -1.21 0.80 -9.81
C GLU A 10 -0.75 2.08 -9.13
N ARG A 11 -1.62 3.08 -9.18
CA ARG A 11 -1.38 4.33 -8.47
C ARG A 11 -1.75 4.14 -7.01
N ALA A 12 -2.79 3.34 -6.79
CA ALA A 12 -3.19 2.94 -5.44
C ALA A 12 -2.07 2.16 -4.77
N GLN A 13 -1.29 1.45 -5.57
CA GLN A 13 -0.18 0.67 -5.05
C GLN A 13 0.91 1.58 -4.49
N SER A 14 1.25 2.61 -5.27
CA SER A 14 2.22 3.61 -4.82
C SER A 14 1.61 4.43 -3.68
N GLN A 15 0.32 4.71 -3.79
CA GLN A 15 -0.43 5.41 -2.77
C GLN A 15 -0.39 4.63 -1.45
N GLY A 16 -0.58 3.32 -1.54
CA GLY A 16 -0.56 2.47 -0.37
C GLY A 16 0.81 2.43 0.29
N TYR A 17 1.85 2.44 -0.53
CA TYR A 17 3.21 2.49 -0.03
C TYR A 17 3.40 3.70 0.86
N LYS A 18 3.02 4.86 0.33
CA LYS A 18 3.12 6.11 1.08
C LYS A 18 2.09 6.15 2.19
N ALA A 19 0.99 5.41 2.01
CA ALA A 19 -0.05 5.32 3.02
C ALA A 19 0.47 4.57 4.25
N GLY A 20 1.55 3.84 4.06
CA GLY A 20 2.22 3.23 5.18
C GLY A 20 2.86 4.28 6.08
N LEU A 21 3.33 5.35 5.47
CA LEU A 21 3.94 6.44 6.21
C LEU A 21 2.90 7.48 6.58
N ASN A 22 2.06 7.82 5.60
CA ASN A 22 1.12 8.92 5.73
C ASN A 22 -0.29 8.45 6.11
N GLY A 23 -0.72 7.34 5.53
CA GLY A 23 -2.12 6.95 5.64
C GLY A 23 -2.43 6.22 6.93
N ARG A 24 -1.36 5.83 7.63
CA ARG A 24 -1.45 5.12 8.90
C ARG A 24 -2.01 3.70 8.74
N SER A 25 -3.33 3.60 8.54
CA SER A 25 -4.01 2.31 8.56
C SER A 25 -4.56 1.94 7.18
N GLN A 26 -5.15 0.74 7.08
CA GLN A 26 -5.76 0.26 5.84
C GLN A 26 -7.10 0.94 5.65
N GLU A 27 -7.65 1.43 6.75
CA GLU A 27 -8.93 2.13 6.75
C GLU A 27 -8.85 3.35 5.83
N ALA A 28 -7.64 3.83 5.61
CA ALA A 28 -7.41 5.04 4.83
C ALA A 28 -7.36 4.74 3.33
N CYS A 29 -8.06 3.70 2.91
CA CYS A 29 -8.10 3.30 1.52
C CYS A 29 -9.46 3.64 0.90
N PRO A 30 -9.58 4.82 0.28
CA PRO A 30 -10.81 5.26 -0.38
C PRO A 30 -10.83 4.90 -1.88
N TYR A 31 -10.69 3.62 -2.19
CA TYR A 31 -10.62 3.19 -3.59
C TYR A 31 -11.55 2.01 -3.86
N GLN A 32 -11.19 0.85 -3.36
CA GLN A 32 -11.92 -0.38 -3.66
C GLN A 32 -11.68 -1.38 -2.53
N GLN A 33 -12.26 -2.56 -2.61
CA GLN A 33 -12.03 -3.58 -1.61
C GLN A 33 -11.01 -4.63 -2.09
N VAL A 34 -11.46 -5.54 -2.95
CA VAL A 34 -10.63 -6.66 -3.37
C VAL A 34 -9.47 -6.19 -4.25
N ASP A 35 -9.79 -5.38 -5.25
CA ASP A 35 -8.81 -4.90 -6.19
C ASP A 35 -7.80 -4.01 -5.47
N ALA A 36 -8.33 -3.20 -4.57
CA ALA A 36 -7.52 -2.27 -3.81
C ALA A 36 -6.65 -3.01 -2.80
N ARG A 37 -7.17 -4.11 -2.25
CA ARG A 37 -6.41 -4.94 -1.34
C ARG A 37 -5.11 -5.38 -2.00
N SER A 38 -5.24 -5.91 -3.21
CA SER A 38 -4.11 -6.51 -3.91
C SER A 38 -3.08 -5.45 -4.28
N TYR A 39 -3.55 -4.28 -4.69
CA TYR A 39 -2.65 -3.23 -5.13
C TYR A 39 -2.27 -2.26 -4.02
N TRP A 40 -3.28 -1.63 -3.41
CA TRP A 40 -3.05 -0.60 -2.39
C TRP A 40 -2.37 -1.20 -1.17
N LEU A 41 -2.82 -2.39 -0.73
CA LEU A 41 -2.24 -3.01 0.45
C LEU A 41 -0.93 -3.68 0.12
N GLY A 42 -0.70 -3.92 -1.17
CA GLY A 42 0.54 -4.49 -1.60
C GLY A 42 1.71 -3.58 -1.29
N GLY A 43 1.55 -2.29 -1.60
CA GLY A 43 2.56 -1.32 -1.26
C GLY A 43 2.59 -1.01 0.22
N TRP A 44 1.42 -1.02 0.84
CA TRP A 44 1.29 -0.74 2.26
C TRP A 44 2.04 -1.78 3.09
N ARG A 45 1.80 -3.06 2.79
CA ARG A 45 2.44 -4.13 3.52
C ARG A 45 3.93 -4.22 3.18
N ASP A 46 4.29 -3.83 1.96
CA ASP A 46 5.70 -3.80 1.57
C ASP A 46 6.47 -2.78 2.39
N ALA A 47 5.90 -1.58 2.50
CA ALA A 47 6.49 -0.52 3.31
C ALA A 47 6.59 -0.98 4.77
N ARG A 48 5.54 -1.65 5.24
CA ARG A 48 5.54 -2.21 6.58
C ARG A 48 6.68 -3.22 6.75
N ASP A 49 6.66 -4.27 5.94
CA ASP A 49 7.65 -5.35 6.04
C ASP A 49 9.08 -4.86 5.86
N GLU A 50 9.23 -3.70 5.24
CA GLU A 50 10.55 -3.18 4.90
C GLU A 50 11.11 -2.43 6.08
N LYS A 51 10.22 -1.80 6.83
CA LYS A 51 10.62 -1.09 8.03
C LYS A 51 10.64 -2.09 9.15
N GLN A 52 9.89 -3.16 8.94
CA GLN A 52 9.78 -4.23 9.90
C GLN A 52 10.96 -5.20 9.81
N SER A 53 11.67 -5.16 8.69
CA SER A 53 12.86 -5.98 8.53
C SER A 53 13.99 -5.51 9.44
N GLY A 54 13.77 -4.40 10.14
CA GLY A 54 14.77 -3.89 11.05
C GLY A 54 14.46 -4.24 12.50
N LEU A 55 13.31 -4.87 12.74
CA LEU A 55 12.88 -5.18 14.10
C LEU A 55 13.33 -6.56 14.55
N TYR A 56 14.42 -7.06 13.99
CA TYR A 56 14.98 -8.33 14.41
C TYR A 56 15.76 -8.17 15.72
N LYS A 57 15.36 -7.18 16.50
CA LYS A 57 16.03 -6.85 17.76
C LYS A 57 15.66 -7.86 18.84
N LEU A 58 14.84 -8.83 18.47
CA LEU A 58 14.35 -9.83 19.39
C LEU A 58 15.48 -10.74 19.88
N GLU A 59 16.01 -11.54 18.98
CA GLU A 59 17.04 -12.51 19.36
C GLU A 59 18.44 -12.05 18.94
N HIS A 60 18.51 -11.29 17.85
CA HIS A 60 19.78 -10.73 17.41
C HIS A 60 19.74 -9.22 17.52
N MET A 1 -15.83 -1.54 -20.84
CA MET A 1 -15.13 -1.11 -22.07
C MET A 1 -13.62 -1.22 -21.94
N LYS A 2 -13.15 -1.85 -20.86
CA LYS A 2 -11.73 -2.17 -20.70
C LYS A 2 -10.88 -0.89 -20.69
N ARG A 3 -11.33 0.13 -19.98
CA ARG A 3 -10.63 1.41 -20.00
C ARG A 3 -9.57 1.51 -18.90
N GLN A 4 -9.96 1.29 -17.65
CA GLN A 4 -9.05 1.57 -16.54
C GLN A 4 -9.11 0.49 -15.47
N LYS A 5 -8.18 -0.45 -15.54
CA LYS A 5 -8.02 -1.45 -14.50
C LYS A 5 -6.74 -1.21 -13.71
N ARG A 6 -5.63 -1.58 -14.32
CA ARG A 6 -4.31 -1.49 -13.70
C ARG A 6 -3.96 -0.03 -13.40
N ASP A 7 -4.56 0.87 -14.15
CA ASP A 7 -4.25 2.30 -14.07
C ASP A 7 -4.39 2.85 -12.65
N ARG A 8 -5.63 3.00 -12.19
CA ARG A 8 -5.89 3.62 -10.90
C ARG A 8 -5.42 2.72 -9.76
N LEU A 9 -5.26 1.44 -10.05
CA LEU A 9 -4.81 0.48 -9.06
C LEU A 9 -3.31 0.57 -8.83
N GLU A 10 -2.55 0.73 -9.90
CA GLU A 10 -1.09 0.87 -9.78
C GLU A 10 -0.76 2.19 -9.10
N ARG A 11 -1.62 3.16 -9.26
CA ARG A 11 -1.45 4.45 -8.60
C ARG A 11 -1.83 4.33 -7.14
N ALA A 12 -2.81 3.46 -6.87
CA ALA A 12 -3.16 3.09 -5.51
C ALA A 12 -2.02 2.32 -4.86
N GLN A 13 -1.24 1.63 -5.69
CA GLN A 13 -0.11 0.86 -5.21
C GLN A 13 0.94 1.76 -4.58
N SER A 14 1.31 2.82 -5.29
CA SER A 14 2.25 3.79 -4.76
C SER A 14 1.61 4.58 -3.61
N GLN A 15 0.30 4.82 -3.73
CA GLN A 15 -0.45 5.51 -2.69
C GLN A 15 -0.44 4.70 -1.40
N GLY A 16 -0.65 3.39 -1.52
CA GLY A 16 -0.69 2.52 -0.37
C GLY A 16 0.60 2.53 0.42
N TYR A 17 1.73 2.55 -0.28
CA TYR A 17 3.03 2.63 0.37
C TYR A 17 3.10 3.90 1.23
N LYS A 18 2.79 5.03 0.59
CA LYS A 18 2.76 6.31 1.28
C LYS A 18 1.75 6.29 2.42
N ALA A 19 0.61 5.65 2.17
CA ALA A 19 -0.45 5.56 3.16
C ALA A 19 0.00 4.78 4.39
N GLY A 20 1.04 3.99 4.25
CA GLY A 20 1.60 3.30 5.39
C GLY A 20 2.31 4.23 6.34
N LEU A 21 2.92 5.28 5.77
CA LEU A 21 3.63 6.27 6.56
C LEU A 21 2.71 7.42 6.93
N ASN A 22 1.87 7.78 5.97
CA ASN A 22 1.03 8.97 6.04
C ASN A 22 -0.35 8.65 6.57
N GLY A 23 -0.93 7.57 6.09
CA GLY A 23 -2.29 7.24 6.45
C GLY A 23 -2.32 6.40 7.70
N ARG A 24 -1.16 5.83 8.03
CA ARG A 24 -0.96 5.00 9.22
C ARG A 24 -1.72 3.66 9.12
N SER A 25 -3.03 3.74 8.95
CA SER A 25 -3.89 2.56 8.94
C SER A 25 -4.29 2.16 7.52
N GLN A 26 -5.01 1.04 7.42
CA GLN A 26 -5.54 0.57 6.14
C GLN A 26 -6.88 1.22 5.88
N GLU A 27 -7.37 1.92 6.89
CA GLU A 27 -8.64 2.62 6.84
C GLU A 27 -8.54 3.82 5.89
N ALA A 28 -7.34 4.09 5.42
CA ALA A 28 -7.08 5.21 4.54
C ALA A 28 -7.28 4.85 3.07
N CYS A 29 -7.93 3.71 2.83
CA CYS A 29 -8.18 3.25 1.46
C CYS A 29 -9.59 3.62 1.00
N PRO A 30 -9.72 4.70 0.21
CA PRO A 30 -10.99 5.13 -0.37
C PRO A 30 -11.22 4.61 -1.79
N TYR A 31 -10.44 3.62 -2.21
CA TYR A 31 -10.49 3.16 -3.60
C TYR A 31 -11.47 2.02 -3.79
N GLN A 32 -10.98 0.80 -3.65
CA GLN A 32 -11.75 -0.39 -3.96
C GLN A 32 -11.48 -1.44 -2.88
N GLN A 33 -12.05 -2.63 -3.00
CA GLN A 33 -11.81 -3.66 -2.02
C GLN A 33 -10.79 -4.70 -2.50
N VAL A 34 -11.22 -5.61 -3.36
CA VAL A 34 -10.40 -6.75 -3.76
C VAL A 34 -9.16 -6.28 -4.53
N ASP A 35 -9.41 -5.53 -5.59
CA ASP A 35 -8.34 -5.07 -6.45
C ASP A 35 -7.45 -4.12 -5.69
N ALA A 36 -8.07 -3.22 -4.95
CA ALA A 36 -7.35 -2.21 -4.20
C ALA A 36 -6.48 -2.85 -3.12
N ARG A 37 -6.98 -3.86 -2.43
CA ARG A 37 -6.17 -4.56 -1.45
C ARG A 37 -4.90 -5.10 -2.09
N SER A 38 -5.05 -5.65 -3.29
CA SER A 38 -3.94 -6.29 -3.98
C SER A 38 -2.87 -5.28 -4.35
N TYR A 39 -3.30 -4.04 -4.62
CA TYR A 39 -2.37 -3.00 -5.02
C TYR A 39 -2.03 -2.07 -3.87
N TRP A 40 -3.04 -1.43 -3.32
CA TRP A 40 -2.89 -0.44 -2.26
C TRP A 40 -2.36 -1.07 -0.98
N LEU A 41 -2.94 -2.19 -0.57
CA LEU A 41 -2.57 -2.81 0.69
C LEU A 41 -1.24 -3.54 0.50
N GLY A 42 -0.97 -3.93 -0.75
CA GLY A 42 0.30 -4.53 -1.08
C GLY A 42 1.44 -3.58 -0.80
N GLY A 43 1.26 -2.32 -1.20
CA GLY A 43 2.27 -1.31 -0.94
C GLY A 43 2.32 -0.93 0.54
N TRP A 44 1.13 -0.85 1.14
CA TRP A 44 1.01 -0.55 2.56
C TRP A 44 1.79 -1.55 3.40
N ARG A 45 1.52 -2.83 3.16
CA ARG A 45 2.14 -3.90 3.93
C ARG A 45 3.63 -3.98 3.61
N ASP A 46 4.00 -3.63 2.38
CA ASP A 46 5.39 -3.71 1.96
C ASP A 46 6.23 -2.67 2.70
N ALA A 47 5.70 -1.46 2.81
CA ALA A 47 6.36 -0.41 3.58
C ALA A 47 6.59 -0.88 5.02
N ARG A 48 5.54 -1.44 5.61
CA ARG A 48 5.63 -1.99 6.94
C ARG A 48 6.70 -3.07 7.00
N ASP A 49 6.68 -3.97 6.01
CA ASP A 49 7.62 -5.09 5.93
C ASP A 49 9.06 -4.63 5.70
N GLU A 50 9.23 -3.37 5.30
CA GLU A 50 10.56 -2.83 5.05
C GLU A 50 11.11 -2.23 6.32
N LYS A 51 10.20 -1.83 7.20
CA LYS A 51 10.60 -1.36 8.53
C LYS A 51 10.66 -2.55 9.44
N GLN A 52 9.95 -3.59 9.03
CA GLN A 52 9.85 -4.81 9.79
C GLN A 52 11.03 -5.74 9.52
N SER A 53 11.09 -6.27 8.30
CA SER A 53 12.15 -7.20 7.93
C SER A 53 13.46 -6.45 7.68
N GLY A 54 13.36 -5.13 7.57
CA GLY A 54 14.54 -4.30 7.41
C GLY A 54 15.30 -4.15 8.72
N LEU A 55 14.59 -4.32 9.83
CA LEU A 55 15.19 -4.26 11.14
C LEU A 55 15.02 -5.59 11.86
N TYR A 56 13.80 -5.81 12.36
CA TYR A 56 13.48 -6.97 13.20
C TYR A 56 14.21 -6.87 14.54
N LYS A 57 15.53 -6.85 14.44
CA LYS A 57 16.43 -6.63 15.57
C LYS A 57 17.88 -6.78 15.08
N LEU A 58 18.08 -6.60 13.79
CA LEU A 58 19.37 -6.85 13.18
C LEU A 58 20.19 -5.58 13.14
N GLU A 59 21.48 -5.76 12.90
CA GLU A 59 22.43 -4.66 12.85
C GLU A 59 23.43 -4.90 11.72
N HIS A 60 23.87 -6.15 11.62
CA HIS A 60 24.70 -6.60 10.50
C HIS A 60 24.65 -8.12 10.44
N MET A 1 -11.01 1.69 -24.17
CA MET A 1 -10.58 2.30 -22.90
C MET A 1 -10.86 1.38 -21.71
N LYS A 2 -11.22 0.13 -21.98
CA LYS A 2 -11.63 -0.78 -20.92
C LYS A 2 -10.44 -1.53 -20.33
N ARG A 3 -9.88 -0.94 -19.27
CA ARG A 3 -8.87 -1.61 -18.42
C ARG A 3 -8.26 -0.63 -17.41
N GLN A 4 -8.83 0.57 -17.30
CA GLN A 4 -8.17 1.66 -16.60
C GLN A 4 -8.35 1.56 -15.10
N LYS A 5 -8.98 0.48 -14.64
CA LYS A 5 -9.01 0.21 -13.22
C LYS A 5 -7.59 -0.09 -12.75
N ARG A 6 -6.79 -0.65 -13.65
CA ARG A 6 -5.39 -0.93 -13.37
C ARG A 6 -4.65 0.37 -13.08
N ASP A 7 -5.03 1.43 -13.77
CA ASP A 7 -4.44 2.75 -13.58
C ASP A 7 -4.60 3.20 -12.14
N ARG A 8 -5.84 3.23 -11.67
CA ARG A 8 -6.12 3.68 -10.31
C ARG A 8 -5.47 2.73 -9.28
N LEU A 9 -5.31 1.48 -9.68
CA LEU A 9 -4.72 0.47 -8.80
C LEU A 9 -3.22 0.60 -8.71
N GLU A 10 -2.58 0.95 -9.82
CA GLU A 10 -1.15 1.17 -9.84
C GLU A 10 -0.81 2.44 -9.06
N ARG A 11 -1.76 3.36 -9.05
CA ARG A 11 -1.65 4.57 -8.26
C ARG A 11 -1.83 4.21 -6.80
N ALA A 12 -2.80 3.32 -6.55
CA ALA A 12 -3.04 2.78 -5.23
C ALA A 12 -1.83 1.98 -4.73
N GLN A 13 -1.09 1.41 -5.66
CA GLN A 13 0.11 0.66 -5.29
C GLN A 13 1.18 1.62 -4.77
N SER A 14 1.31 2.74 -5.47
CA SER A 14 2.24 3.79 -5.06
C SER A 14 1.73 4.48 -3.80
N GLN A 15 0.44 4.78 -3.80
CA GLN A 15 -0.21 5.41 -2.67
C GLN A 15 -0.12 4.52 -1.43
N GLY A 16 -0.38 3.24 -1.63
CA GLY A 16 -0.30 2.29 -0.54
C GLY A 16 1.07 2.27 0.10
N TYR A 17 2.11 2.42 -0.72
CA TYR A 17 3.46 2.49 -0.21
C TYR A 17 3.58 3.64 0.79
N LYS A 18 3.18 4.84 0.37
CA LYS A 18 3.21 5.99 1.25
C LYS A 18 2.23 5.82 2.41
N ALA A 19 1.14 5.11 2.14
CA ALA A 19 0.13 4.86 3.16
C ALA A 19 0.67 3.96 4.27
N GLY A 20 1.72 3.21 3.97
CA GLY A 20 2.35 2.38 4.97
C GLY A 20 3.03 3.22 6.05
N LEU A 21 3.52 4.37 5.65
CA LEU A 21 4.17 5.29 6.57
C LEU A 21 3.22 6.39 7.00
N ASN A 22 2.58 7.01 6.03
CA ASN A 22 1.80 8.21 6.25
C ASN A 22 0.32 7.92 6.34
N GLY A 23 -0.10 6.83 5.70
CA GLY A 23 -1.50 6.48 5.69
C GLY A 23 -1.88 5.78 6.96
N ARG A 24 -0.85 5.32 7.66
CA ARG A 24 -0.96 4.58 8.90
C ARG A 24 -1.77 3.27 8.77
N SER A 25 -3.07 3.40 8.58
CA SER A 25 -3.97 2.26 8.62
C SER A 25 -4.46 1.86 7.23
N GLN A 26 -5.00 0.64 7.15
CA GLN A 26 -5.59 0.13 5.92
C GLN A 26 -6.95 0.78 5.67
N GLU A 27 -7.40 1.52 6.69
CA GLU A 27 -8.63 2.28 6.61
C GLU A 27 -8.56 3.30 5.49
N ALA A 28 -7.34 3.68 5.14
CA ALA A 28 -7.10 4.75 4.19
C ALA A 28 -7.10 4.25 2.74
N CYS A 29 -7.89 3.21 2.46
CA CYS A 29 -7.98 2.67 1.11
C CYS A 29 -9.29 3.10 0.44
N PRO A 30 -9.29 4.24 -0.27
CA PRO A 30 -10.48 4.78 -0.92
C PRO A 30 -10.63 4.42 -2.40
N TYR A 31 -9.62 3.82 -3.00
CA TYR A 31 -9.58 3.65 -4.46
C TYR A 31 -10.49 2.52 -4.94
N GLN A 32 -10.44 1.40 -4.26
CA GLN A 32 -11.21 0.22 -4.64
C GLN A 32 -11.30 -0.69 -3.42
N GLN A 33 -12.02 -1.79 -3.52
CA GLN A 33 -12.08 -2.72 -2.41
C GLN A 33 -11.16 -3.92 -2.61
N VAL A 34 -11.56 -4.84 -3.48
CA VAL A 34 -10.84 -6.08 -3.67
C VAL A 34 -9.57 -5.84 -4.47
N ASP A 35 -9.72 -5.15 -5.59
CA ASP A 35 -8.61 -4.89 -6.49
C ASP A 35 -7.59 -4.03 -5.75
N ALA A 36 -8.09 -3.11 -4.95
CA ALA A 36 -7.24 -2.23 -4.18
C ALA A 36 -6.57 -2.98 -3.05
N ARG A 37 -7.20 -4.02 -2.55
CA ARG A 37 -6.60 -4.81 -1.49
C ARG A 37 -5.26 -5.37 -1.97
N SER A 38 -5.28 -6.02 -3.12
CA SER A 38 -4.09 -6.67 -3.64
C SER A 38 -3.05 -5.63 -4.06
N TYR A 39 -3.51 -4.49 -4.54
CA TYR A 39 -2.59 -3.44 -5.00
C TYR A 39 -2.17 -2.51 -3.86
N TRP A 40 -3.13 -1.80 -3.31
CA TRP A 40 -2.90 -0.78 -2.29
C TRP A 40 -2.33 -1.39 -1.02
N LEU A 41 -2.94 -2.47 -0.53
CA LEU A 41 -2.51 -3.07 0.72
C LEU A 41 -1.17 -3.78 0.51
N GLY A 42 -0.93 -4.18 -0.74
CA GLY A 42 0.35 -4.75 -1.10
C GLY A 42 1.47 -3.75 -0.98
N GLY A 43 1.19 -2.52 -1.40
CA GLY A 43 2.14 -1.43 -1.23
C GLY A 43 2.24 -1.00 0.22
N TRP A 44 1.11 -1.07 0.92
CA TRP A 44 1.04 -0.74 2.34
C TRP A 44 1.98 -1.65 3.12
N ARG A 45 1.81 -2.96 2.95
CA ARG A 45 2.65 -3.95 3.61
C ARG A 45 4.09 -3.84 3.15
N ASP A 46 4.27 -3.39 1.92
CA ASP A 46 5.61 -3.23 1.35
C ASP A 46 6.44 -2.30 2.21
N ALA A 47 5.97 -1.06 2.33
CA ALA A 47 6.67 -0.06 3.13
C ALA A 47 6.61 -0.41 4.61
N ARG A 48 5.47 -0.93 5.04
CA ARG A 48 5.25 -1.25 6.44
C ARG A 48 6.24 -2.31 6.91
N ASP A 49 6.33 -3.41 6.17
CA ASP A 49 7.20 -4.53 6.54
C ASP A 49 8.68 -4.18 6.34
N GLU A 50 8.96 -3.23 5.47
CA GLU A 50 10.34 -2.88 5.16
C GLU A 50 10.94 -2.08 6.32
N LYS A 51 10.08 -1.29 6.95
CA LYS A 51 10.49 -0.52 8.10
C LYS A 51 10.21 -1.34 9.34
N GLN A 52 9.48 -2.42 9.13
CA GLN A 52 9.09 -3.31 10.21
C GLN A 52 10.23 -4.23 10.61
N SER A 53 10.58 -5.15 9.72
CA SER A 53 11.63 -6.12 10.00
C SER A 53 13.01 -5.55 9.70
N GLY A 54 13.06 -4.61 8.76
CA GLY A 54 14.33 -3.98 8.41
C GLY A 54 14.75 -2.93 9.43
N LEU A 55 13.75 -2.38 10.14
CA LEU A 55 13.98 -1.39 11.20
C LEU A 55 14.61 -0.10 10.67
N TYR A 56 14.68 0.01 9.33
CA TYR A 56 15.26 1.18 8.65
C TYR A 56 16.78 1.27 8.90
N LYS A 57 17.32 0.29 9.61
CA LYS A 57 18.75 0.27 9.93
C LYS A 57 19.45 -0.83 9.13
N LEU A 58 18.82 -1.25 8.04
CA LEU A 58 19.39 -2.25 7.16
C LEU A 58 20.57 -1.68 6.39
N GLU A 59 21.46 -2.58 5.96
CA GLU A 59 22.70 -2.19 5.31
C GLU A 59 22.43 -1.55 3.95
N HIS A 60 22.46 -0.21 3.93
CA HIS A 60 22.23 0.58 2.73
C HIS A 60 20.78 0.41 2.24
#